data_4YVC
#
_entry.id   4YVC
#
_cell.length_a   181.430
_cell.length_b   181.430
_cell.length_c   91.504
_cell.angle_alpha   90.000
_cell.angle_beta   90.000
_cell.angle_gamma   120.000
#
_symmetry.space_group_name_H-M   'P 31 2 1'
#
loop_
_entity.id
_entity.type
_entity.pdbx_description
1 polymer 'Rho-associated protein kinase 1'
2 non-polymer 2-fluoro-N-[4-(pyridin-4-yl)-1,3-thiazol-2-yl]benzamide
3 water water
#
_entity_poly.entity_id   1
_entity_poly.type   'polypeptide(L)'
_entity_poly.pdbx_seq_one_letter_code
;GSLHMSFETRFEKMDNLLRDPKSEVNSDCLLDGLDALVYDLDFPALRKNKNIDNFLSRYKDTINKIRDLRMKAEDYEVVK
VIGRGAFGEVQLVRHKSTRKVYAMKLLSKFEMIKRSDSAFFWEERDIMAFANSPWVVQLFYAFQDDRYLYMVMEYMPGGD
LVNLMSNYDVPEKWARFYTAEVVLALDAIHSMGFIHRDVKPDNMLLDKSGHLKLADFGTCMKMNKEGMVRCDTAVGTPDY
ISPEVLKSQGGDGYYGRECDWWSVGVFLYEMLVGDTPFYADSLVGTYSKIMNHKNSLTFPDDNDISKEAKNLICAFLTDR
EVRLGRNGVEEIKRHLFFKNDQWAWETLRDTVAPVVPDLSSDIDTSNFDDLEEDKGEEETFPIPKAFVGNQLPFVGFTYY
SNRRYLSSANPNDNR
;
_entity_poly.pdbx_strand_id   A,B
#
loop_
_chem_comp.id
_chem_comp.type
_chem_comp.name
_chem_comp.formula
4KH non-polymer 2-fluoro-N-[4-(pyridin-4-yl)-1,3-thiazol-2-yl]benzamide 'C15 H10 F N3 O S'
#
# COMPACT_ATOMS: atom_id res chain seq x y z
N SER A 6 -3.93 18.51 16.93
CA SER A 6 -4.10 19.52 15.88
C SER A 6 -3.96 18.90 14.50
N PHE A 7 -4.48 19.60 13.46
CA PHE A 7 -4.44 19.17 12.05
C PHE A 7 -3.01 18.84 11.58
N GLU A 8 -2.04 19.71 11.90
CA GLU A 8 -0.62 19.55 11.54
C GLU A 8 0.03 18.41 12.35
N THR A 9 -0.39 18.21 13.62
CA THR A 9 0.10 17.09 14.42
C THR A 9 -0.35 15.80 13.74
N ARG A 10 -1.67 15.68 13.44
CA ARG A 10 -2.31 14.53 12.81
C ARG A 10 -1.62 14.16 11.50
N PHE A 11 -1.27 15.17 10.69
CA PHE A 11 -0.60 15.01 9.41
C PHE A 11 0.79 14.43 9.64
N GLU A 12 1.49 14.99 10.64
CA GLU A 12 2.84 14.58 11.01
C GLU A 12 2.88 13.16 11.49
N LYS A 13 2.05 12.80 12.51
CA LYS A 13 1.96 11.45 13.12
C LYS A 13 1.77 10.38 12.02
N MET A 14 0.85 10.69 11.11
CA MET A 14 0.44 9.94 9.93
C MET A 14 1.58 9.87 8.90
N ASP A 15 2.42 10.92 8.82
CA ASP A 15 3.57 10.93 7.90
C ASP A 15 4.72 10.15 8.43
N ASN A 16 5.00 10.26 9.72
CA ASN A 16 6.09 9.57 10.37
C ASN A 16 5.88 8.05 10.39
N LEU A 17 4.60 7.61 10.39
CA LEU A 17 4.21 6.19 10.35
C LEU A 17 4.52 5.55 9.00
N LEU A 18 4.35 6.28 7.90
CA LEU A 18 4.69 5.75 6.57
C LEU A 18 6.21 5.69 6.32
N ARG A 19 7.04 6.39 7.14
CA ARG A 19 8.49 6.41 7.02
C ARG A 19 9.22 5.46 7.96
N ASP A 20 8.60 5.12 9.11
CA ASP A 20 9.20 4.27 10.12
C ASP A 20 9.52 2.86 9.65
N PRO A 21 10.80 2.39 9.77
CA PRO A 21 11.14 1.03 9.32
C PRO A 21 10.52 -0.01 10.23
N LYS A 22 10.18 0.38 11.47
CA LYS A 22 9.56 -0.52 12.42
C LYS A 22 8.01 -0.37 12.41
N SER A 23 7.47 0.48 11.54
CA SER A 23 6.02 0.67 11.48
C SER A 23 5.31 -0.39 10.66
N GLU A 24 4.14 -0.84 11.15
CA GLU A 24 3.29 -1.83 10.49
C GLU A 24 2.64 -1.28 9.21
N VAL A 25 2.68 0.06 9.03
CA VAL A 25 2.08 0.74 7.87
C VAL A 25 3.05 1.60 7.10
N ASN A 26 4.33 1.23 7.07
CA ASN A 26 5.27 2.03 6.28
C ASN A 26 5.09 1.71 4.80
N SER A 27 5.68 2.48 3.89
CA SER A 27 5.59 2.21 2.44
C SER A 27 5.77 0.71 2.13
N ASP A 28 6.76 0.05 2.76
CA ASP A 28 7.03 -1.37 2.53
C ASP A 28 5.81 -2.23 2.76
N CYS A 29 5.18 -2.12 3.95
CA CYS A 29 3.98 -2.85 4.35
C CYS A 29 2.81 -2.60 3.44
N LEU A 30 2.60 -1.32 3.09
CA LEU A 30 1.48 -0.86 2.27
C LEU A 30 1.59 -1.42 0.86
N LEU A 31 2.81 -1.34 0.28
CA LEU A 31 3.09 -1.90 -1.04
C LEU A 31 2.92 -3.44 -0.99
N ASP A 32 3.25 -4.08 0.16
CA ASP A 32 3.11 -5.53 0.38
C ASP A 32 1.66 -5.96 0.36
N GLY A 33 0.81 -5.16 1.00
CA GLY A 33 -0.63 -5.42 1.09
C GLY A 33 -1.30 -5.43 -0.27
N LEU A 34 -1.09 -4.36 -1.06
CA LEU A 34 -1.68 -4.25 -2.38
C LEU A 34 -1.22 -5.40 -3.24
N ASP A 35 0.08 -5.74 -3.17
CA ASP A 35 0.69 -6.84 -3.91
C ASP A 35 0.05 -8.17 -3.53
N ALA A 36 -0.22 -8.38 -2.20
CA ALA A 36 -0.87 -9.56 -1.61
C ALA A 36 -2.32 -9.68 -2.08
N LEU A 37 -3.01 -8.55 -2.09
CA LEU A 37 -4.40 -8.43 -2.54
C LEU A 37 -4.51 -8.86 -3.99
N VAL A 38 -3.68 -8.29 -4.88
CA VAL A 38 -3.72 -8.67 -6.29
C VAL A 38 -3.45 -10.18 -6.47
N TYR A 39 -2.43 -10.72 -5.78
CA TYR A 39 -2.04 -12.12 -5.82
C TYR A 39 -3.15 -13.09 -5.41
N ASP A 40 -3.79 -12.82 -4.23
CA ASP A 40 -4.85 -13.65 -3.65
C ASP A 40 -6.21 -13.53 -4.32
N LEU A 41 -6.36 -12.59 -5.26
CA LEU A 41 -7.60 -12.40 -5.98
C LEU A 41 -7.51 -12.90 -7.42
N ASP A 42 -6.34 -12.77 -8.07
CA ASP A 42 -6.19 -13.14 -9.48
C ASP A 42 -6.24 -14.65 -9.76
N PHE A 43 -7.49 -15.17 -9.85
CA PHE A 43 -7.82 -16.55 -10.15
C PHE A 43 -9.12 -16.54 -10.93
N PRO A 44 -9.35 -17.49 -11.87
CA PRO A 44 -10.56 -17.45 -12.70
C PRO A 44 -11.87 -17.54 -11.92
N ALA A 45 -11.87 -18.34 -10.83
CA ALA A 45 -13.01 -18.57 -9.95
C ALA A 45 -13.44 -17.30 -9.23
N LEU A 46 -12.45 -16.53 -8.75
CA LEU A 46 -12.66 -15.29 -8.02
C LEU A 46 -13.06 -14.12 -8.93
N ARG A 47 -12.49 -14.09 -10.16
CA ARG A 47 -12.76 -13.07 -11.18
C ARG A 47 -14.21 -13.08 -11.66
N LYS A 48 -15.01 -14.13 -11.29
CA LYS A 48 -16.45 -14.23 -11.59
C LYS A 48 -17.15 -13.04 -10.90
N ASN A 49 -16.67 -12.63 -9.69
CA ASN A 49 -17.15 -11.48 -8.93
C ASN A 49 -16.69 -10.22 -9.66
N LYS A 50 -17.64 -9.31 -9.97
CA LYS A 50 -17.31 -8.09 -10.69
C LYS A 50 -16.51 -7.09 -9.85
N ASN A 51 -16.89 -6.87 -8.56
CA ASN A 51 -16.12 -6.00 -7.67
C ASN A 51 -14.63 -6.39 -7.76
N ILE A 52 -14.36 -7.72 -7.69
CA ILE A 52 -13.05 -8.34 -7.76
C ILE A 52 -12.41 -8.18 -9.14
N ASP A 53 -13.13 -8.54 -10.21
CA ASP A 53 -12.62 -8.45 -11.57
C ASP A 53 -12.27 -7.03 -12.01
N ASN A 54 -13.13 -6.04 -11.68
CA ASN A 54 -12.91 -4.63 -12.02
C ASN A 54 -11.69 -4.08 -11.30
N PHE A 55 -11.54 -4.43 -10.01
CA PHE A 55 -10.39 -4.04 -9.20
C PHE A 55 -9.11 -4.52 -9.86
N LEU A 56 -9.02 -5.81 -10.18
CA LEU A 56 -7.83 -6.38 -10.82
C LEU A 56 -7.52 -5.70 -12.14
N SER A 57 -8.55 -5.45 -12.97
CA SER A 57 -8.40 -4.79 -14.27
C SER A 57 -7.91 -3.35 -14.11
N ARG A 58 -8.46 -2.64 -13.11
CA ARG A 58 -8.09 -1.27 -12.78
C ARG A 58 -6.62 -1.17 -12.34
N TYR A 59 -6.13 -2.17 -11.58
CA TYR A 59 -4.79 -2.12 -11.05
C TYR A 59 -3.78 -2.94 -11.81
N LYS A 60 -4.15 -3.54 -12.97
CA LYS A 60 -3.30 -4.40 -13.82
C LYS A 60 -1.95 -3.77 -14.20
N ASP A 61 -1.93 -2.73 -15.06
CA ASP A 61 -0.73 -2.04 -15.53
C ASP A 61 0.07 -1.49 -14.37
N THR A 62 -0.63 -0.87 -13.38
CA THR A 62 -0.06 -0.31 -12.15
C THR A 62 0.72 -1.38 -11.36
N ILE A 63 0.06 -2.49 -10.96
CA ILE A 63 0.65 -3.60 -10.18
C ILE A 63 1.89 -4.17 -10.87
N ASN A 64 1.87 -4.23 -12.21
CA ASN A 64 2.99 -4.74 -12.98
C ASN A 64 4.16 -3.78 -12.91
N LYS A 65 3.90 -2.44 -13.06
CA LYS A 65 4.93 -1.39 -12.97
C LYS A 65 5.67 -1.54 -11.63
N ILE A 66 4.89 -1.57 -10.51
CA ILE A 66 5.34 -1.75 -9.13
C ILE A 66 6.19 -3.01 -9.03
N ARG A 67 5.64 -4.17 -9.45
CA ARG A 67 6.29 -5.48 -9.44
C ARG A 67 7.61 -5.44 -10.15
N ASP A 68 7.70 -4.72 -11.29
CA ASP A 68 8.93 -4.58 -12.04
C ASP A 68 9.94 -3.66 -11.30
N LEU A 69 9.46 -2.53 -10.73
CA LEU A 69 10.30 -1.53 -10.07
C LEU A 69 10.87 -2.00 -8.75
N ARG A 70 10.04 -2.68 -7.95
CA ARG A 70 10.42 -3.23 -6.67
C ARG A 70 11.42 -4.36 -6.83
N MET A 71 12.12 -4.67 -5.73
CA MET A 71 13.11 -5.72 -5.74
C MET A 71 12.42 -7.06 -5.98
N LYS A 72 12.85 -7.73 -7.06
CA LYS A 72 12.37 -9.04 -7.53
C LYS A 72 13.51 -10.04 -7.52
N ALA A 73 13.18 -11.33 -7.51
CA ALA A 73 14.17 -12.40 -7.46
C ALA A 73 15.06 -12.45 -8.70
N GLU A 74 14.55 -11.99 -9.85
CA GLU A 74 15.29 -11.98 -11.12
C GLU A 74 16.34 -10.87 -11.19
N ASP A 75 16.50 -10.06 -10.12
CA ASP A 75 17.50 -8.99 -10.07
C ASP A 75 18.84 -9.59 -9.65
N TYR A 76 18.79 -10.86 -9.21
CA TYR A 76 19.93 -11.60 -8.74
C TYR A 76 20.21 -12.77 -9.65
N GLU A 77 21.47 -12.89 -10.05
CA GLU A 77 22.07 -14.00 -10.80
C GLU A 77 22.54 -14.99 -9.70
N VAL A 78 22.05 -16.24 -9.71
CA VAL A 78 22.45 -17.22 -8.72
C VAL A 78 23.81 -17.84 -9.13
N VAL A 79 24.81 -17.70 -8.25
CA VAL A 79 26.19 -18.16 -8.41
C VAL A 79 26.36 -19.62 -8.02
N LYS A 80 25.69 -20.05 -6.92
CA LYS A 80 25.76 -21.44 -6.42
C LYS A 80 24.73 -21.65 -5.31
N VAL A 81 24.22 -22.90 -5.14
CA VAL A 81 23.29 -23.19 -4.04
C VAL A 81 24.17 -23.64 -2.87
N ILE A 82 24.32 -22.79 -1.84
CA ILE A 82 25.24 -23.12 -0.75
C ILE A 82 24.60 -24.01 0.35
N GLY A 83 23.35 -23.77 0.69
CA GLY A 83 22.61 -24.59 1.65
C GLY A 83 21.23 -24.96 1.13
N ARG A 84 20.69 -26.06 1.61
CA ARG A 84 19.33 -26.45 1.28
C ARG A 84 18.64 -27.02 2.49
N GLY A 85 17.33 -26.88 2.53
CA GLY A 85 16.55 -27.21 3.71
C GLY A 85 15.12 -27.50 3.37
N ALA A 86 14.37 -27.99 4.35
CA ALA A 86 12.98 -28.24 4.14
C ALA A 86 12.31 -26.92 3.80
N PHE A 87 12.71 -25.88 4.51
CA PHE A 87 12.12 -24.57 4.35
C PHE A 87 12.34 -24.05 2.95
N GLY A 88 13.52 -24.29 2.41
CA GLY A 88 13.90 -23.69 1.16
C GLY A 88 15.39 -23.80 0.97
N GLU A 89 15.95 -22.96 0.13
CA GLU A 89 17.38 -22.98 -0.08
C GLU A 89 18.04 -21.63 0.15
N VAL A 90 19.34 -21.68 0.35
CA VAL A 90 20.19 -20.53 0.61
C VAL A 90 21.15 -20.54 -0.57
N GLN A 91 21.39 -19.38 -1.18
CA GLN A 91 22.25 -19.35 -2.36
C GLN A 91 23.12 -18.12 -2.50
N LEU A 92 24.37 -18.35 -2.93
CA LEU A 92 25.31 -17.28 -3.24
C LEU A 92 24.77 -16.60 -4.50
N VAL A 93 24.48 -15.30 -4.39
CA VAL A 93 23.89 -14.51 -5.47
C VAL A 93 24.68 -13.24 -5.75
N ARG A 94 24.57 -12.76 -6.99
CA ARG A 94 25.19 -11.53 -7.45
C ARG A 94 24.06 -10.68 -7.97
N HIS A 95 23.83 -9.53 -7.32
CA HIS A 95 22.81 -8.60 -7.78
C HIS A 95 23.25 -8.08 -9.16
N LYS A 96 22.54 -8.47 -10.24
CA LYS A 96 22.85 -8.12 -11.64
C LYS A 96 23.27 -6.65 -11.86
N SER A 97 22.48 -5.67 -11.36
CA SER A 97 22.79 -4.23 -11.50
C SER A 97 24.08 -3.78 -10.71
N THR A 98 24.01 -3.79 -9.36
CA THR A 98 25.07 -3.36 -8.43
C THR A 98 26.32 -4.25 -8.51
N ARG A 99 26.16 -5.44 -9.12
CA ARG A 99 27.15 -6.52 -9.32
C ARG A 99 27.69 -7.02 -7.96
N LYS A 100 27.02 -6.57 -6.87
CA LYS A 100 27.34 -6.89 -5.48
C LYS A 100 26.95 -8.32 -5.15
N VAL A 101 27.77 -8.95 -4.29
CA VAL A 101 27.63 -10.36 -3.91
C VAL A 101 27.03 -10.57 -2.52
N TYR A 102 25.96 -11.36 -2.46
CA TYR A 102 25.27 -11.67 -1.20
C TYR A 102 24.91 -13.14 -1.14
N ALA A 103 24.40 -13.57 0.03
CA ALA A 103 23.86 -14.88 0.29
C ALA A 103 22.37 -14.58 0.48
N MET A 104 21.52 -15.30 -0.29
CA MET A 104 20.08 -15.10 -0.26
C MET A 104 19.37 -16.36 0.21
N LYS A 105 18.58 -16.21 1.30
CA LYS A 105 17.82 -17.27 1.95
C LYS A 105 16.36 -17.20 1.48
N LEU A 106 15.94 -18.25 0.77
CA LEU A 106 14.61 -18.42 0.21
C LEU A 106 13.77 -19.29 1.16
N LEU A 107 12.56 -18.82 1.50
CA LEU A 107 11.67 -19.57 2.37
C LEU A 107 10.38 -19.80 1.63
N SER A 108 10.03 -21.07 1.42
CA SER A 108 8.81 -21.46 0.74
C SER A 108 7.60 -21.12 1.58
N LYS A 109 6.76 -20.21 1.05
CA LYS A 109 5.54 -19.77 1.66
C LYS A 109 4.66 -21.00 1.89
N PHE A 110 4.45 -21.83 0.84
CA PHE A 110 3.62 -23.04 0.96
C PHE A 110 4.13 -23.99 2.05
N GLU A 111 5.45 -24.24 2.09
CA GLU A 111 6.10 -25.12 3.07
C GLU A 111 6.01 -24.57 4.50
N MET A 112 5.73 -23.26 4.66
CA MET A 112 5.59 -22.68 5.99
C MET A 112 4.21 -22.86 6.54
N ILE A 113 3.18 -22.53 5.74
CA ILE A 113 1.78 -22.70 6.12
C ILE A 113 1.57 -24.15 6.63
N LYS A 114 2.39 -25.12 6.12
CA LYS A 114 2.39 -26.51 6.59
C LYS A 114 3.31 -26.67 7.83
N PHE A 120 8.14 -17.48 12.58
CA PHE A 120 9.52 -17.55 13.13
C PHE A 120 10.48 -16.62 12.39
N PHE A 121 10.16 -16.41 11.10
CA PHE A 121 10.87 -15.59 10.13
C PHE A 121 10.82 -14.11 10.48
N TRP A 122 9.80 -13.68 11.25
CA TRP A 122 9.69 -12.29 11.67
C TRP A 122 10.85 -11.96 12.62
N GLU A 123 11.17 -12.87 13.56
CA GLU A 123 12.28 -12.72 14.53
C GLU A 123 13.61 -12.74 13.76
N GLU A 124 13.75 -13.71 12.81
CA GLU A 124 14.95 -13.86 11.98
C GLU A 124 15.21 -12.58 11.20
N ARG A 125 14.14 -11.97 10.65
CA ARG A 125 14.19 -10.72 9.91
C ARG A 125 14.60 -9.57 10.81
N ASP A 126 13.91 -9.39 11.94
CA ASP A 126 14.19 -8.29 12.87
C ASP A 126 15.60 -8.34 13.41
N ILE A 127 16.03 -9.51 13.93
CA ILE A 127 17.35 -9.69 14.50
C ILE A 127 18.43 -9.28 13.49
N MET A 128 18.43 -9.85 12.28
CA MET A 128 19.42 -9.55 11.23
C MET A 128 19.36 -8.11 10.69
N ALA A 129 18.16 -7.55 10.58
CA ALA A 129 18.00 -6.21 10.05
C ALA A 129 18.37 -5.13 11.03
N PHE A 130 18.21 -5.40 12.35
CA PHE A 130 18.42 -4.37 13.37
C PHE A 130 19.42 -4.71 14.51
N ALA A 131 20.17 -5.82 14.43
CA ALA A 131 21.10 -6.12 15.51
C ALA A 131 22.21 -5.09 15.61
N ASN A 132 22.69 -4.61 14.43
CA ASN A 132 23.83 -3.71 14.31
C ASN A 132 24.96 -4.20 15.23
N SER A 133 25.34 -5.49 15.05
CA SER A 133 26.37 -6.12 15.84
C SER A 133 27.29 -6.85 14.91
N PRO A 134 28.63 -6.79 15.18
CA PRO A 134 29.56 -7.60 14.38
C PRO A 134 29.30 -9.10 14.55
N TRP A 135 28.50 -9.49 15.54
CA TRP A 135 28.23 -10.88 15.88
C TRP A 135 27.04 -11.45 15.16
N VAL A 136 26.27 -10.61 14.48
CA VAL A 136 25.07 -11.04 13.77
C VAL A 136 25.17 -10.81 12.24
N VAL A 137 24.81 -11.82 11.45
CA VAL A 137 24.81 -11.67 9.99
C VAL A 137 23.81 -10.55 9.60
N GLN A 138 24.26 -9.58 8.78
CA GLN A 138 23.44 -8.44 8.38
C GLN A 138 22.43 -8.69 7.26
N LEU A 139 21.17 -8.30 7.51
CA LEU A 139 20.11 -8.37 6.51
C LEU A 139 20.12 -6.99 5.76
N PHE A 140 20.35 -7.00 4.43
CA PHE A 140 20.37 -5.76 3.64
C PHE A 140 19.06 -5.50 3.02
N TYR A 141 18.42 -6.57 2.55
CA TYR A 141 17.13 -6.52 1.92
C TYR A 141 16.33 -7.74 2.27
N ALA A 142 15.03 -7.59 2.30
CA ALA A 142 14.10 -8.69 2.42
C ALA A 142 13.04 -8.30 1.43
N PHE A 143 12.55 -9.27 0.67
CA PHE A 143 11.49 -9.08 -0.31
C PHE A 143 10.74 -10.38 -0.47
N GLN A 144 9.74 -10.40 -1.37
CA GLN A 144 8.91 -11.58 -1.59
C GLN A 144 8.15 -11.55 -2.90
N ASP A 145 7.43 -12.63 -3.15
CA ASP A 145 6.54 -12.82 -4.27
C ASP A 145 5.50 -13.84 -3.84
N ASP A 146 4.72 -14.38 -4.77
CA ASP A 146 3.65 -15.30 -4.45
C ASP A 146 4.14 -16.64 -3.86
N ARG A 147 5.39 -17.03 -4.16
CA ARG A 147 5.93 -18.32 -3.75
C ARG A 147 6.93 -18.33 -2.59
N TYR A 148 7.82 -17.32 -2.52
CA TYR A 148 8.91 -17.27 -1.54
C TYR A 148 9.12 -15.94 -0.83
N LEU A 149 9.82 -16.03 0.32
CA LEU A 149 10.34 -14.89 1.07
C LEU A 149 11.83 -14.91 0.75
N TYR A 150 12.44 -13.75 0.57
CA TYR A 150 13.86 -13.66 0.23
C TYR A 150 14.56 -12.77 1.23
N MET A 151 15.70 -13.26 1.76
CA MET A 151 16.48 -12.50 2.74
C MET A 151 17.86 -12.35 2.16
N VAL A 152 18.19 -11.13 1.74
CA VAL A 152 19.49 -10.81 1.15
C VAL A 152 20.44 -10.39 2.30
N MET A 153 21.37 -11.28 2.66
CA MET A 153 22.31 -11.09 3.76
C MET A 153 23.74 -10.93 3.26
N GLU A 154 24.69 -10.61 4.17
CA GLU A 154 26.08 -10.59 3.73
C GLU A 154 26.63 -12.03 3.66
N TYR A 155 27.39 -12.35 2.58
CA TYR A 155 27.96 -13.69 2.40
C TYR A 155 29.10 -13.92 3.38
N MET A 156 29.06 -15.08 4.09
CA MET A 156 30.01 -15.53 5.09
C MET A 156 30.88 -16.61 4.42
N PRO A 157 31.96 -16.24 3.73
CA PRO A 157 32.73 -17.24 2.98
C PRO A 157 33.52 -18.28 3.79
N GLY A 158 33.68 -18.08 5.10
CA GLY A 158 34.40 -19.01 5.95
C GLY A 158 33.66 -20.29 6.26
N GLY A 159 32.39 -20.38 5.85
CA GLY A 159 31.54 -21.55 6.08
C GLY A 159 31.13 -21.69 7.54
N ASP A 160 30.46 -22.80 7.88
CA ASP A 160 30.05 -23.00 9.27
C ASP A 160 31.10 -23.79 10.05
N LEU A 161 30.97 -23.77 11.40
CA LEU A 161 31.87 -24.46 12.32
C LEU A 161 31.82 -25.97 12.15
N VAL A 162 30.68 -26.50 11.60
CA VAL A 162 30.51 -27.93 11.30
C VAL A 162 31.57 -28.33 10.27
N ASN A 163 31.76 -27.46 9.26
CA ASN A 163 32.76 -27.65 8.25
C ASN A 163 34.16 -27.56 8.85
N LEU A 164 34.39 -26.61 9.79
CA LEU A 164 35.72 -26.48 10.43
C LEU A 164 36.04 -27.71 11.22
N MET A 165 35.11 -28.13 12.06
CA MET A 165 35.30 -29.28 12.88
C MET A 165 35.54 -30.53 12.07
N SER A 166 34.79 -30.69 10.96
CA SER A 166 34.93 -31.85 10.09
C SER A 166 36.27 -31.92 9.33
N ASN A 167 37.01 -30.84 9.24
CA ASN A 167 38.24 -30.90 8.48
C ASN A 167 39.47 -30.62 9.32
N TYR A 168 39.27 -30.47 10.61
CA TYR A 168 40.35 -30.15 11.51
C TYR A 168 40.17 -30.89 12.81
N ASP A 169 41.26 -31.02 13.55
CA ASP A 169 41.19 -31.51 14.90
C ASP A 169 41.46 -30.24 15.65
N VAL A 170 40.54 -29.85 16.52
CA VAL A 170 40.62 -28.53 17.10
C VAL A 170 41.44 -28.50 18.35
N PRO A 171 42.61 -27.75 18.24
CA PRO A 171 43.36 -27.64 19.48
C PRO A 171 42.67 -26.72 20.43
N GLU A 172 42.90 -26.93 21.71
CA GLU A 172 42.28 -26.16 22.79
C GLU A 172 42.32 -24.64 22.58
N LYS A 173 43.49 -24.10 22.13
CA LYS A 173 43.66 -22.68 21.86
C LYS A 173 42.61 -22.12 20.86
N TRP A 174 42.23 -22.93 19.83
CA TRP A 174 41.20 -22.58 18.83
C TRP A 174 39.80 -22.61 19.45
N ALA A 175 39.50 -23.72 20.20
CA ALA A 175 38.23 -23.92 20.87
C ALA A 175 37.99 -22.76 21.80
N ARG A 176 39.03 -22.34 22.58
CA ARG A 176 38.94 -21.17 23.48
C ARG A 176 38.44 -19.93 22.73
N PHE A 177 39.02 -19.64 21.54
CA PHE A 177 38.63 -18.53 20.68
C PHE A 177 37.18 -18.64 20.26
N TYR A 178 36.79 -19.76 19.59
CA TYR A 178 35.44 -19.96 19.07
C TYR A 178 34.37 -19.91 20.17
N THR A 179 34.61 -20.57 21.34
CA THR A 179 33.69 -20.53 22.49
C THR A 179 33.49 -19.08 22.93
N ALA A 180 34.61 -18.34 23.11
CA ALA A 180 34.61 -16.92 23.49
C ALA A 180 33.76 -16.07 22.53
N GLU A 181 33.97 -16.26 21.21
CA GLU A 181 33.21 -15.53 20.18
C GLU A 181 31.72 -15.84 20.27
N VAL A 182 31.39 -17.12 20.53
CA VAL A 182 30.01 -17.58 20.70
C VAL A 182 29.36 -16.92 21.93
N VAL A 183 30.04 -16.95 23.09
CA VAL A 183 29.61 -16.33 24.36
C VAL A 183 29.27 -14.84 24.10
N LEU A 184 30.15 -14.15 23.35
CA LEU A 184 29.97 -12.74 23.00
C LEU A 184 28.77 -12.59 22.11
N ALA A 185 28.65 -13.43 21.06
CA ALA A 185 27.54 -13.39 20.10
C ALA A 185 26.17 -13.63 20.80
N LEU A 186 26.07 -14.69 21.62
CA LEU A 186 24.89 -15.02 22.38
C LEU A 186 24.52 -13.91 23.33
N ASP A 187 25.53 -13.32 24.00
CA ASP A 187 25.28 -12.18 24.87
C ASP A 187 24.61 -11.03 24.12
N ALA A 188 25.04 -10.78 22.88
CA ALA A 188 24.50 -9.76 21.99
C ALA A 188 23.00 -9.97 21.72
N ILE A 189 22.62 -11.25 21.42
CA ILE A 189 21.28 -11.75 21.16
C ILE A 189 20.43 -11.60 22.43
N HIS A 190 20.99 -12.05 23.57
CA HIS A 190 20.36 -11.95 24.87
C HIS A 190 20.04 -10.49 25.17
N SER A 191 21.01 -9.58 24.94
CA SER A 191 20.87 -8.12 25.12
C SER A 191 19.77 -7.48 24.29
N MET A 192 19.41 -8.12 23.17
CA MET A 192 18.34 -7.72 22.27
C MET A 192 17.00 -8.28 22.75
N GLY A 193 17.07 -9.04 23.84
CA GLY A 193 15.91 -9.65 24.48
C GLY A 193 15.49 -10.92 23.81
N PHE A 194 16.43 -11.77 23.47
CA PHE A 194 16.13 -12.99 22.76
C PHE A 194 16.88 -14.15 23.36
N ILE A 195 16.30 -15.33 23.24
CA ILE A 195 16.97 -16.55 23.60
C ILE A 195 17.11 -17.33 22.32
N HIS A 196 18.32 -17.74 21.97
CA HIS A 196 18.52 -18.35 20.68
C HIS A 196 17.74 -19.65 20.59
N ARG A 197 17.86 -20.46 21.61
CA ARG A 197 17.02 -21.64 21.77
C ARG A 197 17.48 -22.78 20.88
N ASP A 198 18.47 -22.53 20.05
CA ASP A 198 19.04 -23.57 19.21
C ASP A 198 20.44 -23.18 18.77
N VAL A 199 21.39 -23.10 19.73
CA VAL A 199 22.78 -22.78 19.46
C VAL A 199 23.44 -24.09 19.02
N LYS A 200 23.97 -24.11 17.78
CA LYS A 200 24.72 -25.25 17.24
C LYS A 200 25.75 -24.76 16.23
N PRO A 201 26.80 -25.58 15.92
CA PRO A 201 27.85 -25.14 14.98
C PRO A 201 27.37 -24.85 13.57
N ASP A 202 26.16 -25.31 13.24
CA ASP A 202 25.50 -25.12 11.96
C ASP A 202 25.06 -23.65 11.88
N ASN A 203 24.81 -23.03 13.05
CA ASN A 203 24.36 -21.65 13.14
C ASN A 203 25.52 -20.69 13.23
N MET A 204 26.72 -21.22 13.44
CA MET A 204 27.94 -20.45 13.59
C MET A 204 28.65 -20.31 12.23
N LEU A 205 28.61 -19.11 11.64
CA LEU A 205 29.26 -18.86 10.35
C LEU A 205 30.57 -18.10 10.57
N LEU A 206 31.49 -18.19 9.62
CA LEU A 206 32.77 -17.48 9.70
C LEU A 206 32.88 -16.46 8.57
N ASP A 207 33.27 -15.23 8.91
CA ASP A 207 33.42 -14.16 7.93
C ASP A 207 34.75 -14.35 7.15
N LYS A 208 35.04 -13.44 6.19
CA LYS A 208 36.25 -13.49 5.37
C LYS A 208 37.53 -13.54 6.20
N SER A 209 37.49 -13.01 7.44
CA SER A 209 38.60 -12.93 8.38
C SER A 209 38.71 -14.08 9.36
N GLY A 210 37.74 -15.00 9.31
CA GLY A 210 37.68 -16.15 10.21
C GLY A 210 36.95 -15.89 11.51
N HIS A 211 36.28 -14.74 11.64
CA HIS A 211 35.54 -14.38 12.84
C HIS A 211 34.06 -14.83 12.78
N LEU A 212 33.51 -15.19 13.94
CA LEU A 212 32.17 -15.71 14.06
C LEU A 212 31.07 -14.66 13.92
N LYS A 213 29.96 -15.11 13.35
CA LYS A 213 28.71 -14.39 13.22
C LYS A 213 27.67 -15.48 13.36
N LEU A 214 26.65 -15.18 14.13
CA LEU A 214 25.55 -16.09 14.30
C LEU A 214 24.59 -15.77 13.15
N ALA A 215 24.03 -16.82 12.57
CA ALA A 215 23.05 -16.73 11.50
C ALA A 215 21.90 -17.66 11.91
N ASP A 216 20.81 -17.76 11.07
CA ASP A 216 19.68 -18.68 11.28
C ASP A 216 19.10 -18.61 12.70
N PHE A 217 18.28 -17.57 12.94
CA PHE A 217 17.60 -17.31 14.22
C PHE A 217 16.14 -17.88 14.19
N GLY A 218 15.99 -19.02 13.53
CA GLY A 218 14.71 -19.67 13.38
C GLY A 218 13.94 -19.92 14.66
N THR A 219 14.65 -20.29 15.74
CA THR A 219 14.05 -20.64 17.03
C THR A 219 14.02 -19.51 18.07
N CYS A 220 14.50 -18.32 17.70
CA CYS A 220 14.55 -17.17 18.59
C CYS A 220 13.24 -16.71 19.11
N MET A 221 13.20 -16.50 20.42
CA MET A 221 12.00 -16.01 21.06
C MET A 221 12.30 -14.86 21.97
N LYS A 222 11.41 -13.86 21.94
CA LYS A 222 11.56 -12.70 22.79
C LYS A 222 11.24 -13.09 24.25
N MET A 223 12.17 -12.79 25.17
CA MET A 223 12.05 -13.07 26.61
C MET A 223 11.01 -12.15 27.18
N ASN A 224 10.44 -12.48 28.35
CA ASN A 224 9.46 -11.59 28.99
C ASN A 224 10.14 -10.61 29.92
N LYS A 225 9.33 -9.92 30.72
CA LYS A 225 9.69 -8.94 31.73
C LYS A 225 10.85 -9.45 32.60
N GLU A 226 10.73 -10.70 33.10
CA GLU A 226 11.75 -11.31 33.95
C GLU A 226 12.69 -12.21 33.16
N GLY A 227 12.89 -11.88 31.87
CA GLY A 227 13.77 -12.60 30.95
C GLY A 227 13.53 -14.09 30.80
N MET A 228 12.27 -14.51 31.00
CA MET A 228 11.85 -15.90 30.91
C MET A 228 10.97 -16.12 29.68
N VAL A 229 10.79 -17.40 29.31
CA VAL A 229 9.97 -17.76 28.16
C VAL A 229 9.09 -18.95 28.55
N ARG A 230 7.75 -18.82 28.39
CA ARG A 230 6.83 -19.91 28.67
C ARG A 230 6.50 -20.57 27.34
N CYS A 231 7.11 -21.74 27.11
CA CYS A 231 6.96 -22.49 25.89
C CYS A 231 6.58 -23.94 26.23
N ASP A 232 5.38 -24.36 25.85
CA ASP A 232 4.81 -25.68 26.14
C ASP A 232 5.37 -26.82 25.27
N THR A 233 6.17 -26.48 24.24
CA THR A 233 6.77 -27.46 23.34
C THR A 233 8.30 -27.31 23.16
N ALA A 234 9.05 -28.45 23.16
CA ALA A 234 10.50 -28.47 22.93
C ALA A 234 10.85 -27.88 21.57
N VAL A 235 11.96 -27.17 21.54
CA VAL A 235 12.46 -26.45 20.38
C VAL A 235 14.00 -26.62 20.38
N GLY A 236 14.55 -26.85 19.18
CA GLY A 236 15.99 -26.99 18.99
C GLY A 236 16.44 -28.25 18.31
N THR A 237 17.71 -28.61 18.50
CA THR A 237 18.32 -29.82 17.91
C THR A 237 18.52 -30.91 19.01
N PRO A 238 18.38 -32.22 18.67
CA PRO A 238 18.54 -33.27 19.69
C PRO A 238 19.88 -33.29 20.48
N ASP A 239 21.05 -33.21 19.84
CA ASP A 239 22.29 -33.28 20.63
C ASP A 239 22.59 -32.04 21.45
N TYR A 240 21.93 -30.90 21.20
CA TYR A 240 22.24 -29.67 21.93
C TYR A 240 21.20 -29.25 22.94
N ILE A 241 19.96 -29.77 22.81
CA ILE A 241 18.84 -29.41 23.65
C ILE A 241 19.19 -29.63 25.10
N SER A 242 18.89 -28.63 25.92
CA SER A 242 19.07 -28.54 27.37
C SER A 242 18.07 -29.48 28.00
N PRO A 243 18.30 -30.01 29.22
CA PRO A 243 17.30 -30.89 29.85
C PRO A 243 15.95 -30.19 30.11
N GLU A 244 15.99 -28.89 30.49
CA GLU A 244 14.79 -28.08 30.77
C GLU A 244 13.94 -27.79 29.53
N VAL A 245 14.57 -27.61 28.35
CA VAL A 245 13.83 -27.33 27.14
C VAL A 245 13.35 -28.66 26.53
N LEU A 246 14.00 -29.77 26.93
CA LEU A 246 13.59 -31.11 26.53
C LEU A 246 12.30 -31.50 27.27
N LYS A 247 12.29 -31.31 28.61
CA LYS A 247 11.13 -31.54 29.46
C LYS A 247 9.98 -30.52 29.24
N SER A 248 10.31 -29.29 28.73
CA SER A 248 9.36 -28.19 28.48
C SER A 248 8.00 -28.72 28.08
N GLN A 249 7.01 -28.45 28.95
CA GLN A 249 5.64 -28.97 28.89
C GLN A 249 4.55 -27.96 29.32
N GLY A 250 3.36 -28.49 29.62
CA GLY A 250 2.21 -27.74 30.10
C GLY A 250 2.51 -27.08 31.43
N GLY A 251 2.60 -27.92 32.46
CA GLY A 251 2.91 -27.53 33.85
C GLY A 251 4.17 -26.71 34.02
N ASP A 252 5.29 -27.19 33.45
CA ASP A 252 6.58 -26.48 33.48
C ASP A 252 6.52 -25.33 32.41
N GLY A 253 7.20 -25.52 31.27
CA GLY A 253 7.24 -24.56 30.17
C GLY A 253 8.21 -23.40 30.32
N TYR A 254 8.29 -22.81 31.53
CA TYR A 254 9.10 -21.63 31.85
C TYR A 254 10.61 -21.90 31.90
N TYR A 255 11.44 -21.13 31.13
CA TYR A 255 12.92 -21.19 31.13
C TYR A 255 13.57 -19.86 30.68
N GLY A 256 14.86 -19.69 31.03
CA GLY A 256 15.64 -18.49 30.72
C GLY A 256 16.81 -18.68 29.76
N ARG A 257 17.62 -17.64 29.58
CA ARG A 257 18.76 -17.69 28.66
C ARG A 257 19.82 -18.75 28.99
N GLU A 258 19.84 -19.26 30.26
CA GLU A 258 20.83 -20.25 30.69
C GLU A 258 20.77 -21.55 29.85
N CYS A 259 19.69 -21.73 29.09
CA CYS A 259 19.53 -22.88 28.20
C CYS A 259 20.52 -22.81 27.00
N ASP A 260 20.89 -21.59 26.58
CA ASP A 260 21.85 -21.40 25.50
C ASP A 260 23.25 -21.72 25.98
N TRP A 261 23.53 -21.48 27.28
CA TRP A 261 24.84 -21.77 27.87
C TRP A 261 25.09 -23.27 27.91
N TRP A 262 23.99 -24.06 28.10
CA TRP A 262 24.04 -25.52 28.06
C TRP A 262 24.62 -25.90 26.66
N SER A 263 24.01 -25.38 25.57
CA SER A 263 24.44 -25.63 24.20
C SER A 263 25.92 -25.23 23.96
N VAL A 264 26.38 -24.12 24.60
CA VAL A 264 27.78 -23.68 24.49
C VAL A 264 28.71 -24.80 25.02
N GLY A 265 28.34 -25.40 26.13
CA GLY A 265 29.09 -26.52 26.68
C GLY A 265 29.10 -27.70 25.75
N VAL A 266 27.97 -27.97 25.12
CA VAL A 266 27.91 -29.05 24.17
C VAL A 266 28.84 -28.76 23.02
N PHE A 267 28.88 -27.51 22.60
CA PHE A 267 29.71 -27.08 21.50
C PHE A 267 31.18 -27.26 21.83
N LEU A 268 31.57 -26.91 23.04
CA LEU A 268 32.93 -27.09 23.47
C LEU A 268 33.32 -28.56 23.52
N TYR A 269 32.44 -29.39 24.05
CA TYR A 269 32.78 -30.78 24.23
C TYR A 269 33.04 -31.39 22.88
N GLU A 270 32.18 -31.06 21.93
CA GLU A 270 32.31 -31.59 20.56
C GLU A 270 33.59 -31.13 19.87
N MET A 271 33.98 -29.84 20.03
CA MET A 271 35.22 -29.32 19.43
C MET A 271 36.48 -30.04 19.94
N LEU A 272 36.53 -30.32 21.24
CA LEU A 272 37.68 -30.96 21.88
C LEU A 272 37.65 -32.49 21.79
N VAL A 273 36.47 -33.12 21.95
CA VAL A 273 36.35 -34.57 21.98
C VAL A 273 36.23 -35.13 20.59
N GLY A 274 35.42 -34.50 19.75
CA GLY A 274 35.23 -34.98 18.39
C GLY A 274 33.85 -35.51 18.11
N ASP A 275 33.08 -35.71 19.21
CA ASP A 275 31.69 -36.15 19.20
C ASP A 275 30.92 -35.35 20.23
N THR A 276 29.59 -35.37 20.13
CA THR A 276 28.71 -34.68 21.07
C THR A 276 28.67 -35.46 22.38
N PRO A 277 28.46 -34.86 23.56
CA PRO A 277 28.54 -35.66 24.79
C PRO A 277 27.38 -36.61 25.06
N PHE A 278 26.30 -36.53 24.30
CA PHE A 278 25.16 -37.40 24.57
C PHE A 278 24.80 -38.21 23.35
N TYR A 279 25.81 -38.44 22.45
CA TYR A 279 25.57 -39.26 21.28
C TYR A 279 25.23 -40.67 21.69
N ALA A 280 24.25 -41.22 20.99
CA ALA A 280 23.75 -42.58 21.08
C ALA A 280 23.32 -42.94 19.67
N ASP A 281 23.31 -44.24 19.33
CA ASP A 281 22.95 -44.74 18.00
C ASP A 281 21.59 -44.22 17.55
N SER A 282 20.55 -44.46 18.37
CA SER A 282 19.20 -43.95 18.08
C SER A 282 19.07 -42.49 18.51
N LEU A 283 18.12 -41.79 17.90
CA LEU A 283 17.84 -40.41 18.25
C LEU A 283 17.28 -40.35 19.70
N VAL A 284 16.35 -41.30 20.03
CA VAL A 284 15.73 -41.41 21.34
C VAL A 284 16.76 -41.68 22.44
N GLY A 285 17.80 -42.44 22.09
CA GLY A 285 18.91 -42.76 22.97
C GLY A 285 19.65 -41.49 23.42
N THR A 286 19.82 -40.53 22.47
CA THR A 286 20.42 -39.24 22.77
C THR A 286 19.57 -38.50 23.83
N TYR A 287 18.25 -38.38 23.62
CA TYR A 287 17.30 -37.76 24.57
C TYR A 287 17.44 -38.32 26.02
N SER A 288 17.59 -39.67 26.10
CA SER A 288 17.79 -40.40 27.35
C SER A 288 19.07 -39.98 28.05
N LYS A 289 20.16 -39.92 27.29
CA LYS A 289 21.46 -39.54 27.80
C LYS A 289 21.42 -38.10 28.26
N ILE A 290 20.77 -37.19 27.50
CA ILE A 290 20.64 -35.78 27.89
C ILE A 290 19.98 -35.69 29.27
N MET A 291 18.87 -36.41 29.44
CA MET A 291 18.12 -36.49 30.67
C MET A 291 18.98 -37.01 31.80
N ASN A 292 19.87 -37.96 31.49
CA ASN A 292 20.76 -38.52 32.51
C ASN A 292 22.15 -37.91 32.46
N HIS A 293 22.23 -36.59 32.14
CA HIS A 293 23.50 -35.86 32.01
C HIS A 293 24.45 -36.00 33.20
N LYS A 294 23.89 -36.18 34.43
CA LYS A 294 24.68 -36.35 35.64
C LYS A 294 25.60 -37.58 35.53
N ASN A 295 25.08 -38.71 35.00
CA ASN A 295 25.83 -39.96 34.84
C ASN A 295 26.35 -40.23 33.44
N SER A 296 25.61 -39.81 32.41
CA SER A 296 25.99 -40.04 31.02
C SER A 296 27.18 -39.19 30.52
N LEU A 297 27.47 -38.03 31.18
CA LEU A 297 28.61 -37.18 30.79
C LEU A 297 29.91 -37.80 31.29
N THR A 298 30.74 -38.18 30.32
CA THR A 298 32.04 -38.84 30.48
C THR A 298 33.00 -38.23 29.48
N PHE A 299 34.29 -38.24 29.81
CA PHE A 299 35.32 -37.73 28.93
C PHE A 299 36.23 -38.89 28.62
N PRO A 300 36.74 -38.99 27.38
CA PRO A 300 37.62 -40.14 27.08
C PRO A 300 38.98 -40.02 27.78
N ASP A 301 39.80 -41.10 27.74
CA ASP A 301 41.15 -40.96 28.28
C ASP A 301 42.02 -40.23 27.26
N ASP A 302 41.98 -38.89 27.43
CA ASP A 302 42.54 -37.81 26.62
C ASP A 302 43.24 -36.79 27.51
N ASN A 303 44.56 -37.01 27.69
CA ASN A 303 45.52 -36.18 28.45
C ASN A 303 45.62 -34.73 27.87
N ASP A 304 44.97 -34.50 26.69
CA ASP A 304 44.94 -33.24 25.97
C ASP A 304 43.76 -32.32 26.40
N ILE A 305 42.72 -32.86 27.07
CA ILE A 305 41.62 -31.99 27.51
C ILE A 305 42.07 -31.45 28.86
N SER A 306 42.29 -30.13 28.94
CA SER A 306 42.80 -29.53 30.17
C SER A 306 41.81 -29.58 31.33
N LYS A 307 42.33 -29.29 32.54
CA LYS A 307 41.57 -29.22 33.79
C LYS A 307 40.44 -28.20 33.58
N GLU A 308 40.80 -26.96 33.21
CA GLU A 308 39.90 -25.84 32.98
C GLU A 308 38.88 -26.08 31.86
N ALA A 309 39.25 -26.83 30.81
CA ALA A 309 38.33 -27.14 29.69
C ALA A 309 37.24 -28.08 30.18
N LYS A 310 37.65 -29.19 30.87
CA LYS A 310 36.77 -30.17 31.51
C LYS A 310 35.83 -29.46 32.49
N ASN A 311 36.34 -28.49 33.30
CA ASN A 311 35.55 -27.73 34.27
C ASN A 311 34.49 -26.86 33.61
N LEU A 312 34.86 -26.08 32.58
CA LEU A 312 33.94 -25.22 31.85
C LEU A 312 32.80 -26.06 31.26
N ILE A 313 33.14 -27.22 30.66
CA ILE A 313 32.13 -28.10 30.07
C ILE A 313 31.12 -28.54 31.14
N CYS A 314 31.61 -28.97 32.28
CA CYS A 314 30.75 -29.44 33.35
C CYS A 314 29.98 -28.34 34.01
N ALA A 315 30.54 -27.11 33.99
CA ALA A 315 29.92 -25.92 34.54
C ALA A 315 28.66 -25.60 33.71
N PHE A 316 28.72 -25.89 32.40
CA PHE A 316 27.63 -25.66 31.48
C PHE A 316 26.70 -26.87 31.36
N LEU A 317 27.25 -28.09 31.50
CA LEU A 317 26.48 -29.32 31.33
C LEU A 317 25.93 -29.87 32.65
N THR A 318 25.18 -29.01 33.34
CA THR A 318 24.55 -29.31 34.62
C THR A 318 23.10 -28.81 34.64
N ASP A 319 22.37 -29.01 35.76
CA ASP A 319 21.00 -28.52 35.86
C ASP A 319 21.04 -27.01 36.01
N ARG A 320 20.09 -26.31 35.38
CA ARG A 320 20.04 -24.84 35.29
C ARG A 320 20.30 -24.11 36.60
N GLU A 321 19.72 -24.61 37.69
CA GLU A 321 19.80 -24.03 39.03
C GLU A 321 21.25 -23.75 39.51
N VAL A 322 22.22 -24.56 39.06
CA VAL A 322 23.64 -24.43 39.41
C VAL A 322 24.57 -24.22 38.17
N ARG A 323 23.96 -24.03 36.98
CA ARG A 323 24.67 -23.82 35.72
C ARG A 323 25.42 -22.48 35.60
N LEU A 324 26.70 -22.52 35.12
CA LEU A 324 27.47 -21.31 34.87
C LEU A 324 26.73 -20.42 33.86
N GLY A 325 26.53 -19.17 34.21
CA GLY A 325 25.77 -18.23 33.39
C GLY A 325 24.50 -17.74 34.07
N ARG A 326 24.02 -18.52 35.08
CA ARG A 326 22.82 -18.21 35.87
C ARG A 326 22.90 -16.79 36.41
N ASN A 327 24.11 -16.31 36.77
CA ASN A 327 24.35 -14.96 37.30
C ASN A 327 25.10 -14.06 36.29
N GLY A 328 24.68 -14.13 35.02
CA GLY A 328 25.21 -13.32 33.93
C GLY A 328 26.47 -13.81 33.28
N VAL A 329 26.83 -13.19 32.14
CA VAL A 329 28.03 -13.52 31.33
C VAL A 329 29.32 -13.40 32.07
N GLU A 330 29.43 -12.38 32.95
CA GLU A 330 30.69 -12.13 33.62
C GLU A 330 31.27 -13.34 34.35
N GLU A 331 30.43 -14.20 34.96
CA GLU A 331 30.94 -15.40 35.61
C GLU A 331 31.50 -16.43 34.57
N ILE A 332 30.95 -16.43 33.31
CA ILE A 332 31.41 -17.27 32.21
C ILE A 332 32.75 -16.68 31.76
N LYS A 333 32.77 -15.35 31.53
CA LYS A 333 33.95 -14.62 31.09
C LYS A 333 35.12 -14.81 32.05
N ARG A 334 34.84 -14.71 33.37
CA ARG A 334 35.85 -14.87 34.43
C ARG A 334 36.45 -16.26 34.49
N HIS A 335 35.80 -17.27 33.84
CA HIS A 335 36.30 -18.66 33.89
C HIS A 335 37.76 -18.76 33.47
N LEU A 336 38.52 -19.57 34.24
CA LEU A 336 39.94 -19.81 33.98
C LEU A 336 40.23 -20.42 32.61
N PHE A 337 39.26 -21.12 31.99
CA PHE A 337 39.44 -21.71 30.66
C PHE A 337 39.81 -20.64 29.66
N PHE A 338 39.20 -19.45 29.82
CA PHE A 338 39.46 -18.33 28.93
C PHE A 338 40.74 -17.57 29.27
N LYS A 339 41.43 -17.93 30.39
CA LYS A 339 42.69 -17.27 30.75
C LYS A 339 43.74 -17.52 29.68
N ASN A 340 44.18 -16.43 29.03
CA ASN A 340 45.15 -16.49 27.94
C ASN A 340 45.98 -15.21 27.78
N ASP A 341 46.99 -15.26 26.88
CA ASP A 341 47.92 -14.20 26.51
C ASP A 341 47.94 -13.98 25.00
N GLN A 342 46.75 -14.00 24.39
CA GLN A 342 46.63 -13.76 22.96
C GLN A 342 45.57 -12.71 22.72
N TRP A 343 44.44 -12.78 23.49
CA TRP A 343 43.30 -11.87 23.36
C TRP A 343 42.64 -11.44 24.67
N ALA A 344 41.96 -10.29 24.63
CA ALA A 344 41.16 -9.75 25.72
C ALA A 344 39.74 -9.75 25.21
N TRP A 345 38.76 -9.89 26.08
CA TRP A 345 37.39 -9.97 25.64
C TRP A 345 37.00 -8.72 24.89
N GLU A 346 37.44 -7.59 25.39
CA GLU A 346 37.05 -6.32 24.80
C GLU A 346 37.52 -6.19 23.37
N THR A 347 38.71 -6.69 23.09
CA THR A 347 39.30 -6.53 21.78
C THR A 347 39.34 -7.79 20.89
N LEU A 348 38.60 -8.83 21.26
CA LEU A 348 38.73 -10.16 20.66
C LEU A 348 38.44 -10.31 19.18
N ARG A 349 37.42 -9.65 18.68
CA ARG A 349 37.10 -9.69 17.26
C ARG A 349 38.07 -8.84 16.44
N ASP A 350 38.92 -8.04 17.11
CA ASP A 350 39.94 -7.21 16.47
C ASP A 350 41.25 -8.00 16.37
N THR A 351 41.29 -9.21 16.99
CA THR A 351 42.48 -10.05 16.88
C THR A 351 42.43 -10.87 15.61
N VAL A 352 43.53 -11.59 15.32
CA VAL A 352 43.67 -12.49 14.16
C VAL A 352 43.14 -13.87 14.54
N ALA A 353 42.11 -14.32 13.77
CA ALA A 353 41.41 -15.57 13.98
C ALA A 353 42.32 -16.80 13.79
N PRO A 354 42.04 -17.97 14.42
CA PRO A 354 42.93 -19.13 14.25
C PRO A 354 42.95 -19.75 12.85
N VAL A 355 41.87 -19.58 12.05
CA VAL A 355 41.81 -20.12 10.68
C VAL A 355 41.35 -18.98 9.76
N VAL A 356 42.28 -18.42 9.00
CA VAL A 356 41.93 -17.32 8.12
C VAL A 356 41.60 -17.83 6.72
N PRO A 357 40.33 -17.69 6.27
CA PRO A 357 39.95 -18.26 4.96
C PRO A 357 40.83 -17.79 3.81
N ASP A 358 41.39 -18.74 3.03
CA ASP A 358 42.16 -18.39 1.82
C ASP A 358 41.15 -18.50 0.68
N LEU A 359 40.67 -17.33 0.20
CA LEU A 359 39.63 -17.29 -0.81
C LEU A 359 40.12 -16.83 -2.17
N SER A 360 39.65 -17.51 -3.20
CA SER A 360 40.00 -17.29 -4.59
C SER A 360 39.36 -16.03 -5.17
N SER A 361 38.14 -15.70 -4.72
CA SER A 361 37.38 -14.54 -5.23
C SER A 361 36.30 -14.16 -4.24
N ASP A 362 35.52 -13.12 -4.58
CA ASP A 362 34.36 -12.69 -3.80
C ASP A 362 33.25 -13.76 -3.87
N ILE A 363 33.35 -14.68 -4.86
CA ILE A 363 32.37 -15.75 -5.05
C ILE A 363 32.94 -17.17 -4.73
N ASP A 364 34.07 -17.26 -3.98
CA ASP A 364 34.64 -18.55 -3.59
C ASP A 364 33.67 -19.30 -2.65
N THR A 365 33.23 -20.51 -3.02
CA THR A 365 32.30 -21.32 -2.20
C THR A 365 32.93 -22.63 -1.66
N SER A 366 34.28 -22.69 -1.60
CA SER A 366 35.01 -23.86 -1.14
C SER A 366 34.64 -24.34 0.27
N ASN A 367 34.26 -23.41 1.19
CA ASN A 367 33.89 -23.79 2.55
C ASN A 367 32.45 -24.22 2.68
N PHE A 368 31.78 -24.48 1.55
CA PHE A 368 30.40 -24.95 1.52
C PHE A 368 30.32 -26.18 0.64
N ASP A 369 29.93 -27.32 1.24
CA ASP A 369 29.79 -28.62 0.54
C ASP A 369 28.83 -28.50 -0.64
N ASP A 370 29.17 -29.20 -1.75
CA ASP A 370 28.46 -29.17 -3.03
C ASP A 370 26.97 -29.53 -2.98
N LEU A 371 26.16 -28.72 -3.72
CA LEU A 371 24.72 -28.86 -3.94
C LEU A 371 24.45 -28.52 -5.41
N GLU A 379 6.74 -27.45 -5.07
CA GLU A 379 5.28 -27.34 -5.07
C GLU A 379 4.77 -26.20 -4.19
N THR A 380 3.66 -25.58 -4.59
CA THR A 380 3.03 -24.45 -3.90
C THR A 380 1.55 -24.76 -3.55
N PHE A 381 0.73 -23.72 -3.42
CA PHE A 381 -0.66 -23.76 -3.01
C PHE A 381 -1.57 -24.13 -4.17
N PRO A 382 -2.69 -24.85 -3.91
CA PRO A 382 -3.63 -25.15 -5.01
C PRO A 382 -4.40 -23.87 -5.37
N ILE A 383 -5.05 -23.86 -6.54
CA ILE A 383 -5.78 -22.67 -6.98
C ILE A 383 -7.07 -22.52 -6.18
N PRO A 384 -7.23 -21.36 -5.51
CA PRO A 384 -8.42 -21.14 -4.67
C PRO A 384 -9.78 -21.24 -5.37
N LYS A 385 -10.70 -21.95 -4.73
CA LYS A 385 -12.05 -22.10 -5.23
C LYS A 385 -12.95 -20.97 -4.65
N ALA A 386 -12.37 -20.15 -3.73
CA ALA A 386 -12.92 -18.97 -3.03
C ALA A 386 -11.75 -18.24 -2.39
N PHE A 387 -11.94 -16.98 -1.90
CA PHE A 387 -10.85 -16.19 -1.26
C PHE A 387 -10.29 -16.86 -0.01
N VAL A 388 -8.99 -17.17 -0.04
CA VAL A 388 -8.30 -17.82 1.07
C VAL A 388 -7.23 -16.91 1.72
N GLY A 389 -6.69 -15.98 0.94
CA GLY A 389 -5.71 -15.00 1.42
C GLY A 389 -4.37 -15.56 1.90
N ASN A 390 -3.79 -16.45 1.10
CA ASN A 390 -2.51 -17.09 1.41
C ASN A 390 -1.30 -16.14 1.59
N GLN A 391 -1.31 -14.97 0.95
CA GLN A 391 -0.21 -14.00 1.05
C GLN A 391 -0.31 -13.06 2.27
N LEU A 392 -1.48 -13.03 2.97
CA LEU A 392 -1.72 -12.17 4.12
C LEU A 392 -0.75 -12.39 5.28
N PRO A 393 -0.40 -13.64 5.69
CA PRO A 393 0.59 -13.82 6.78
C PRO A 393 1.99 -13.29 6.50
N PHE A 394 2.23 -12.75 5.30
CA PHE A 394 3.54 -12.26 4.86
C PHE A 394 3.60 -10.76 4.54
N VAL A 395 2.48 -10.03 4.68
CA VAL A 395 2.45 -8.59 4.44
C VAL A 395 3.35 -7.91 5.50
N GLY A 396 4.35 -7.17 5.03
CA GLY A 396 5.29 -6.45 5.90
C GLY A 396 6.69 -7.01 5.90
N PHE A 397 6.86 -8.23 5.40
CA PHE A 397 8.15 -8.89 5.36
C PHE A 397 9.19 -8.09 4.59
N THR A 398 8.79 -7.33 3.56
CA THR A 398 9.71 -6.52 2.74
C THR A 398 10.49 -5.52 3.55
N TYR A 399 11.81 -5.55 3.36
CA TYR A 399 12.79 -4.63 3.94
C TYR A 399 13.58 -3.99 2.75
N TYR A 400 13.01 -2.89 2.16
CA TYR A 400 13.58 -2.21 0.98
C TYR A 400 13.28 -0.70 0.97
N SER A 401 12.00 -0.32 0.82
CA SER A 401 11.60 1.08 0.77
C SER A 401 11.80 1.80 2.13
N ASN A 402 11.65 1.08 3.29
CA ASN A 402 11.80 1.74 4.61
C ASN A 402 12.81 1.02 5.49
N ARG A 403 14.12 1.32 5.30
CA ARG A 403 15.20 0.66 6.05
C ARG A 403 15.97 1.67 6.89
N ARG A 404 16.61 1.18 7.95
CA ARG A 404 17.40 1.99 8.89
C ARG A 404 18.79 2.17 8.32
N TYR A 405 19.37 3.38 8.44
CA TYR A 405 20.70 3.60 7.87
C TYR A 405 21.71 4.14 8.88
N MET B 5 17.90 1.04 -16.53
CA MET B 5 17.88 1.92 -15.36
C MET B 5 18.76 1.35 -14.26
N SER B 6 19.46 2.25 -13.56
CA SER B 6 20.33 1.89 -12.43
C SER B 6 19.48 1.56 -11.19
N PHE B 7 20.11 0.88 -10.19
CA PHE B 7 19.48 0.49 -8.92
C PHE B 7 18.93 1.71 -8.18
N GLU B 8 19.70 2.82 -8.18
CA GLU B 8 19.33 4.08 -7.55
C GLU B 8 18.11 4.63 -8.27
N THR B 9 18.13 4.67 -9.62
CA THR B 9 17.01 5.15 -10.45
C THR B 9 15.75 4.40 -10.08
N ARG B 10 15.83 3.04 -10.13
CA ARG B 10 14.72 2.14 -9.81
C ARG B 10 14.11 2.41 -8.42
N PHE B 11 14.99 2.67 -7.42
CA PHE B 11 14.59 2.96 -6.05
C PHE B 11 13.81 4.29 -6.00
N GLU B 12 14.35 5.33 -6.65
CA GLU B 12 13.78 6.66 -6.63
C GLU B 12 12.52 6.76 -7.46
N LYS B 13 12.41 6.06 -8.62
CA LYS B 13 11.16 6.02 -9.43
C LYS B 13 10.06 5.49 -8.53
N MET B 14 10.34 4.40 -7.79
CA MET B 14 9.43 3.80 -6.81
C MET B 14 9.14 4.77 -5.67
N ASP B 15 10.16 5.48 -5.18
CA ASP B 15 9.95 6.41 -4.07
C ASP B 15 9.07 7.56 -4.43
N ASN B 16 9.33 8.13 -5.60
CA ASN B 16 8.56 9.24 -6.09
C ASN B 16 7.14 8.90 -6.46
N LEU B 17 6.85 7.60 -6.71
CA LEU B 17 5.51 7.09 -6.99
C LEU B 17 4.67 7.11 -5.73
N LEU B 18 5.30 7.02 -4.55
CA LEU B 18 4.57 7.04 -3.28
C LEU B 18 4.17 8.46 -2.87
N ARG B 19 4.84 9.42 -3.47
CA ARG B 19 4.69 10.84 -3.18
C ARG B 19 3.85 11.61 -4.20
N ASP B 20 3.69 11.03 -5.41
CA ASP B 20 2.95 11.66 -6.51
C ASP B 20 1.45 11.74 -6.24
N PRO B 21 0.87 12.96 -6.34
CA PRO B 21 -0.58 13.09 -6.12
C PRO B 21 -1.39 12.47 -7.26
N LYS B 22 -0.77 12.30 -8.43
CA LYS B 22 -1.41 11.68 -9.58
C LYS B 22 -1.12 10.17 -9.64
N SER B 23 -0.35 9.65 -8.68
CA SER B 23 -0.01 8.24 -8.70
C SER B 23 -1.07 7.32 -8.12
N GLU B 24 -1.31 6.18 -8.81
CA GLU B 24 -2.24 5.14 -8.40
C GLU B 24 -1.73 4.38 -7.16
N VAL B 25 -0.44 4.54 -6.83
CA VAL B 25 0.22 3.85 -5.72
C VAL B 25 0.82 4.80 -4.70
N ASN B 26 0.20 5.98 -4.57
CA ASN B 26 0.54 7.01 -3.60
C ASN B 26 0.27 6.43 -2.18
N SER B 27 0.97 6.91 -1.16
CA SER B 27 0.77 6.48 0.22
C SER B 27 -0.72 6.48 0.62
N ASP B 28 -1.52 7.51 0.22
CA ASP B 28 -2.96 7.54 0.53
C ASP B 28 -3.73 6.45 -0.22
N CYS B 29 -3.46 6.24 -1.55
CA CYS B 29 -4.04 5.15 -2.34
C CYS B 29 -3.76 3.80 -1.69
N LEU B 30 -2.51 3.57 -1.23
CA LEU B 30 -2.06 2.32 -0.63
C LEU B 30 -2.77 2.09 0.69
N LEU B 31 -2.96 3.19 1.44
CA LEU B 31 -3.61 3.16 2.73
C LEU B 31 -5.05 2.79 2.61
N ASP B 32 -5.67 3.16 1.46
CA ASP B 32 -7.06 2.84 1.12
C ASP B 32 -7.16 1.36 0.97
N GLY B 33 -6.27 0.79 0.15
CA GLY B 33 -6.19 -0.64 -0.13
C GLY B 33 -6.17 -1.49 1.11
N LEU B 34 -5.51 -0.99 2.14
CA LEU B 34 -5.45 -1.68 3.41
C LEU B 34 -6.72 -1.47 4.19
N ASP B 35 -7.24 -0.23 4.16
CA ASP B 35 -8.47 0.15 4.86
C ASP B 35 -9.68 -0.67 4.31
N ALA B 36 -9.72 -0.88 3.00
CA ALA B 36 -10.76 -1.63 2.31
C ALA B 36 -10.67 -3.05 2.75
N LEU B 37 -9.45 -3.61 2.63
CA LEU B 37 -9.13 -4.98 3.00
C LEU B 37 -9.65 -5.29 4.39
N VAL B 38 -9.32 -4.46 5.38
CA VAL B 38 -9.81 -4.67 6.75
C VAL B 38 -11.35 -4.66 6.79
N TYR B 39 -12.00 -3.65 6.13
CA TYR B 39 -13.47 -3.49 6.08
C TYR B 39 -14.18 -4.74 5.50
N ASP B 40 -13.73 -5.20 4.32
CA ASP B 40 -14.29 -6.33 3.56
C ASP B 40 -13.97 -7.74 4.10
N LEU B 41 -13.09 -7.83 5.09
CA LEU B 41 -12.73 -9.10 5.71
C LEU B 41 -13.32 -9.24 7.10
N ASP B 42 -13.46 -8.14 7.86
CA ASP B 42 -13.93 -8.21 9.24
C ASP B 42 -15.42 -8.59 9.39
N PHE B 43 -15.70 -9.91 9.31
CA PHE B 43 -17.02 -10.53 9.45
C PHE B 43 -16.81 -11.89 10.09
N PRO B 44 -17.76 -12.38 10.93
CA PRO B 44 -17.52 -13.66 11.63
C PRO B 44 -17.30 -14.87 10.74
N ALA B 45 -18.02 -14.90 9.61
CA ALA B 45 -17.97 -15.96 8.58
C ALA B 45 -16.58 -16.07 7.94
N LEU B 46 -15.98 -14.91 7.63
CA LEU B 46 -14.67 -14.79 6.99
C LEU B 46 -13.51 -15.05 7.97
N ARG B 47 -13.69 -14.64 9.23
CA ARG B 47 -12.72 -14.81 10.31
C ARG B 47 -12.49 -16.28 10.67
N LYS B 48 -13.32 -17.22 10.12
CA LYS B 48 -13.17 -18.67 10.29
C LYS B 48 -11.81 -19.07 9.71
N ASN B 49 -11.40 -18.42 8.58
CA ASN B 49 -10.10 -18.58 7.91
C ASN B 49 -9.02 -17.96 8.80
N LYS B 50 -7.99 -18.75 9.12
CA LYS B 50 -6.92 -18.27 9.99
C LYS B 50 -6.03 -17.22 9.32
N ASN B 51 -5.64 -17.41 8.05
CA ASN B 51 -4.86 -16.40 7.30
C ASN B 51 -5.53 -15.03 7.48
N ILE B 52 -6.88 -15.01 7.29
CA ILE B 52 -7.76 -13.85 7.40
C ILE B 52 -7.84 -13.34 8.84
N ASP B 53 -8.15 -14.23 9.81
CA ASP B 53 -8.28 -13.86 11.22
C ASP B 53 -6.99 -13.28 11.83
N ASN B 54 -5.82 -13.90 11.54
CA ASN B 54 -4.52 -13.44 12.05
C ASN B 54 -4.17 -12.07 11.49
N PHE B 55 -4.43 -11.87 10.20
CA PHE B 55 -4.20 -10.60 9.53
C PHE B 55 -5.00 -9.49 10.23
N LEU B 56 -6.30 -9.70 10.43
CA LEU B 56 -7.14 -8.70 11.07
C LEU B 56 -6.68 -8.39 12.48
N SER B 57 -6.30 -9.43 13.25
CA SER B 57 -5.82 -9.28 14.62
C SER B 57 -4.52 -8.49 14.67
N ARG B 58 -3.61 -8.78 13.71
CA ARG B 58 -2.33 -8.10 13.57
C ARG B 58 -2.49 -6.63 13.25
N TYR B 59 -3.48 -6.29 12.42
CA TYR B 59 -3.65 -4.91 11.99
C TYR B 59 -4.74 -4.12 12.69
N LYS B 60 -5.35 -4.69 13.75
CA LYS B 60 -6.45 -4.10 14.54
C LYS B 60 -6.15 -2.67 15.08
N ASP B 61 -5.23 -2.56 16.06
CA ASP B 61 -4.84 -1.30 16.71
C ASP B 61 -4.33 -0.31 15.69
N THR B 62 -3.47 -0.79 14.78
CA THR B 62 -2.89 -0.03 13.68
C THR B 62 -3.98 0.64 12.82
N ILE B 63 -4.89 -0.17 12.21
CA ILE B 63 -5.97 0.31 11.33
C ILE B 63 -6.83 1.37 12.01
N ASN B 64 -7.07 1.21 13.32
CA ASN B 64 -7.88 2.15 14.08
C ASN B 64 -7.18 3.50 14.22
N LYS B 65 -5.86 3.45 14.55
CA LYS B 65 -5.00 4.63 14.70
C LYS B 65 -5.08 5.45 13.41
N ILE B 66 -4.81 4.78 12.26
CA ILE B 66 -4.86 5.30 10.89
C ILE B 66 -6.22 5.97 10.62
N ARG B 67 -7.32 5.20 10.82
CA ARG B 67 -8.69 5.65 10.64
C ARG B 67 -8.97 6.97 11.38
N ASP B 68 -8.47 7.05 12.62
CA ASP B 68 -8.63 8.24 13.44
C ASP B 68 -7.73 9.40 12.95
N LEU B 69 -6.48 9.09 12.56
CA LEU B 69 -5.51 10.11 12.14
C LEU B 69 -5.82 10.73 10.81
N ARG B 70 -6.23 9.90 9.85
CA ARG B 70 -6.58 10.33 8.51
C ARG B 70 -7.81 11.25 8.51
N MET B 71 -8.02 11.99 7.41
CA MET B 71 -9.16 12.88 7.28
C MET B 71 -10.42 12.04 7.31
N LYS B 72 -11.30 12.39 8.28
CA LYS B 72 -12.59 11.75 8.54
C LYS B 72 -13.69 12.77 8.39
N ALA B 73 -14.93 12.27 8.21
CA ALA B 73 -16.11 13.11 8.02
C ALA B 73 -16.42 14.00 9.21
N GLU B 74 -16.07 13.54 10.43
CA GLU B 74 -16.32 14.26 11.67
C GLU B 74 -15.38 15.44 11.87
N ASP B 75 -14.47 15.70 10.92
CA ASP B 75 -13.54 16.83 11.00
C ASP B 75 -14.23 18.08 10.49
N TYR B 76 -15.42 17.89 9.88
CA TYR B 76 -16.22 18.95 9.31
C TYR B 76 -17.55 19.08 10.02
N GLU B 77 -17.88 20.33 10.38
CA GLU B 77 -19.14 20.79 10.97
C GLU B 77 -20.02 21.16 9.76
N VAL B 78 -21.20 20.53 9.61
CA VAL B 78 -22.08 20.84 8.47
C VAL B 78 -22.91 22.13 8.79
N VAL B 79 -22.76 23.14 7.93
CA VAL B 79 -23.38 24.47 8.03
C VAL B 79 -24.79 24.47 7.42
N LYS B 80 -25.00 23.79 6.27
CA LYS B 80 -26.29 23.72 5.56
C LYS B 80 -26.23 22.70 4.43
N VAL B 81 -27.38 22.05 4.08
CA VAL B 81 -27.39 21.11 2.94
C VAL B 81 -27.78 21.94 1.72
N ILE B 82 -26.85 22.12 0.78
CA ILE B 82 -27.11 22.98 -0.39
C ILE B 82 -27.65 22.20 -1.62
N GLY B 83 -27.33 20.93 -1.71
CA GLY B 83 -27.79 20.11 -2.83
C GLY B 83 -28.08 18.70 -2.39
N ARG B 84 -28.92 18.00 -3.17
CA ARG B 84 -29.28 16.61 -2.87
C ARG B 84 -29.57 15.86 -4.15
N GLY B 85 -29.00 14.67 -4.24
CA GLY B 85 -29.15 13.76 -5.38
C GLY B 85 -29.34 12.32 -4.95
N ALA B 86 -29.40 11.39 -5.94
CA ALA B 86 -29.61 9.96 -5.69
C ALA B 86 -28.41 9.39 -4.95
N PHE B 87 -27.23 9.79 -5.45
CA PHE B 87 -25.90 9.49 -4.97
C PHE B 87 -25.71 9.90 -3.50
N GLY B 88 -26.35 10.98 -3.08
CA GLY B 88 -26.15 11.58 -1.77
C GLY B 88 -26.29 13.10 -1.81
N GLU B 89 -25.77 13.82 -0.81
CA GLU B 89 -26.00 15.26 -0.82
C GLU B 89 -24.75 16.12 -0.85
N VAL B 90 -24.92 17.41 -1.21
CA VAL B 90 -23.88 18.45 -1.31
C VAL B 90 -24.10 19.38 -0.10
N GLN B 91 -23.04 19.67 0.68
CA GLN B 91 -23.27 20.51 1.85
C GLN B 91 -22.18 21.50 2.17
N LEU B 92 -22.60 22.72 2.58
CA LEU B 92 -21.71 23.77 3.02
C LEU B 92 -21.14 23.29 4.38
N VAL B 93 -19.81 23.15 4.46
CA VAL B 93 -19.13 22.63 5.64
C VAL B 93 -18.02 23.55 6.10
N ARG B 94 -17.69 23.48 7.40
CA ARG B 94 -16.60 24.22 8.01
C ARG B 94 -15.71 23.19 8.65
N HIS B 95 -14.47 23.12 8.19
CA HIS B 95 -13.49 22.20 8.76
C HIS B 95 -13.22 22.68 10.19
N LYS B 96 -13.68 21.91 11.20
CA LYS B 96 -13.56 22.22 12.64
C LYS B 96 -12.20 22.82 13.07
N SER B 97 -11.06 22.17 12.72
CA SER B 97 -9.71 22.65 13.06
C SER B 97 -9.31 23.97 12.34
N THR B 98 -9.12 23.93 11.00
CA THR B 98 -8.71 25.06 10.13
C THR B 98 -9.75 26.20 10.10
N ARG B 99 -10.99 25.88 10.53
CA ARG B 99 -12.17 26.74 10.58
C ARG B 99 -12.53 27.24 9.17
N LYS B 100 -11.87 26.66 8.15
CA LYS B 100 -12.03 26.94 6.74
C LYS B 100 -13.35 26.41 6.20
N VAL B 101 -13.95 27.17 5.26
CA VAL B 101 -15.26 26.87 4.69
C VAL B 101 -15.20 26.26 3.28
N TYR B 102 -15.85 25.11 3.11
CA TYR B 102 -15.89 24.42 1.84
C TYR B 102 -17.28 23.89 1.56
N ALA B 103 -17.45 23.37 0.36
CA ALA B 103 -18.63 22.65 -0.06
C ALA B 103 -18.16 21.16 -0.17
N MET B 104 -18.89 20.22 0.46
CA MET B 104 -18.56 18.81 0.47
C MET B 104 -19.67 17.94 -0.20
N LYS B 105 -19.28 17.18 -1.27
CA LYS B 105 -20.16 16.27 -2.00
C LYS B 105 -19.95 14.83 -1.48
N LEU B 106 -21.01 14.22 -0.89
CA LEU B 106 -21.08 12.87 -0.34
C LEU B 106 -21.68 11.90 -1.37
N LEU B 107 -21.05 10.75 -1.60
CA LEU B 107 -21.57 9.77 -2.52
C LEU B 107 -21.74 8.46 -1.79
N SER B 108 -22.97 7.93 -1.72
CA SER B 108 -23.28 6.67 -1.06
C SER B 108 -22.70 5.48 -1.78
N LYS B 109 -21.80 4.74 -1.09
CA LYS B 109 -21.16 3.52 -1.63
C LYS B 109 -22.22 2.47 -1.93
N PHE B 110 -23.14 2.21 -0.97
CA PHE B 110 -24.22 1.25 -1.16
C PHE B 110 -25.08 1.62 -2.37
N GLU B 111 -25.48 2.91 -2.49
CA GLU B 111 -26.29 3.41 -3.58
C GLU B 111 -25.58 3.36 -4.93
N MET B 112 -24.26 3.24 -4.96
CA MET B 112 -23.55 3.15 -6.22
C MET B 112 -23.50 1.74 -6.73
N ILE B 113 -23.13 0.78 -5.87
CA ILE B 113 -23.09 -0.64 -6.20
C ILE B 113 -24.51 -1.13 -6.55
N LYS B 114 -25.51 -0.74 -5.69
CA LYS B 114 -26.94 -1.05 -5.83
C LYS B 114 -27.33 -0.70 -7.27
N ARG B 115 -27.09 0.56 -7.68
CA ARG B 115 -27.36 1.11 -9.02
C ARG B 115 -26.37 0.61 -10.11
N SER B 116 -25.30 -0.13 -9.71
CA SER B 116 -24.22 -0.68 -10.56
C SER B 116 -23.23 0.41 -11.03
N ASP B 117 -23.64 1.67 -11.02
CA ASP B 117 -22.76 2.73 -11.48
C ASP B 117 -21.73 3.04 -10.39
N SER B 118 -20.47 2.70 -10.64
CA SER B 118 -19.40 2.96 -9.69
C SER B 118 -18.18 3.74 -10.22
N ALA B 119 -18.14 4.03 -11.52
CA ALA B 119 -16.92 4.61 -12.08
C ALA B 119 -16.91 6.10 -12.44
N PHE B 120 -18.04 6.78 -12.36
CA PHE B 120 -18.09 8.19 -12.77
C PHE B 120 -17.24 9.08 -11.89
N PHE B 121 -17.27 8.79 -10.60
CA PHE B 121 -16.66 9.62 -9.58
C PHE B 121 -15.15 9.78 -9.81
N TRP B 122 -14.50 8.82 -10.53
CA TRP B 122 -13.07 8.88 -10.82
C TRP B 122 -12.78 10.13 -11.65
N GLU B 123 -13.61 10.36 -12.68
CA GLU B 123 -13.53 11.51 -13.60
C GLU B 123 -13.77 12.80 -12.83
N GLU B 124 -14.89 12.89 -12.07
CA GLU B 124 -15.18 14.04 -11.20
C GLU B 124 -13.99 14.36 -10.29
N ARG B 125 -13.39 13.32 -9.67
CA ARG B 125 -12.24 13.50 -8.78
C ARG B 125 -11.07 14.05 -9.52
N ASP B 126 -10.68 13.41 -10.62
CA ASP B 126 -9.50 13.83 -11.39
C ASP B 126 -9.64 15.23 -11.93
N ILE B 127 -10.80 15.54 -12.56
CA ILE B 127 -11.05 16.84 -13.17
C ILE B 127 -10.86 17.93 -12.15
N MET B 128 -11.60 17.86 -11.04
CA MET B 128 -11.56 18.87 -9.99
C MET B 128 -10.20 18.97 -9.26
N ALA B 129 -9.54 17.83 -9.06
CA ALA B 129 -8.27 17.82 -8.35
C ALA B 129 -7.12 18.32 -9.15
N PHE B 130 -7.17 18.14 -10.48
CA PHE B 130 -6.03 18.48 -11.34
C PHE B 130 -6.32 19.43 -12.51
N ALA B 131 -7.49 20.06 -12.58
CA ALA B 131 -7.72 20.96 -13.71
C ALA B 131 -6.84 22.18 -13.64
N ASN B 132 -6.65 22.71 -12.43
CA ASN B 132 -5.90 23.93 -12.19
C ASN B 132 -6.33 25.00 -13.20
N SER B 133 -7.65 25.23 -13.28
CA SER B 133 -8.25 26.19 -14.20
C SER B 133 -9.21 27.06 -13.42
N PRO B 134 -9.26 28.38 -13.72
CA PRO B 134 -10.27 29.23 -13.09
C PRO B 134 -11.70 28.80 -13.48
N TRP B 135 -11.83 27.93 -14.50
CA TRP B 135 -13.12 27.49 -15.00
C TRP B 135 -13.65 26.23 -14.34
N VAL B 136 -12.82 25.58 -13.51
CA VAL B 136 -13.23 24.36 -12.84
C VAL B 136 -13.24 24.50 -11.32
N VAL B 137 -14.30 23.99 -10.67
CA VAL B 137 -14.37 24.02 -9.20
C VAL B 137 -13.21 23.14 -8.63
N GLN B 138 -12.41 23.70 -7.71
CA GLN B 138 -11.24 23.01 -7.14
C GLN B 138 -11.53 21.97 -6.06
N LEU B 139 -10.98 20.77 -6.22
CA LEU B 139 -11.06 19.71 -5.21
C LEU B 139 -9.81 19.86 -4.31
N PHE B 140 -10.00 20.09 -3.01
CA PHE B 140 -8.88 20.25 -2.07
C PHE B 140 -8.54 18.95 -1.42
N TYR B 141 -9.58 18.19 -1.08
CA TYR B 141 -9.46 16.91 -0.44
C TYR B 141 -10.53 15.97 -0.95
N ALA B 142 -10.17 14.68 -0.99
CA ALA B 142 -11.08 13.59 -1.31
C ALA B 142 -10.77 12.52 -0.31
N PHE B 143 -11.78 12.04 0.41
CA PHE B 143 -11.58 10.98 1.40
C PHE B 143 -12.78 10.06 1.42
N GLN B 144 -12.74 9.01 2.26
CA GLN B 144 -13.81 8.03 2.32
C GLN B 144 -13.82 7.25 3.65
N ASP B 145 -14.81 6.36 3.75
CA ASP B 145 -15.02 5.38 4.83
C ASP B 145 -15.83 4.22 4.24
N ASP B 146 -16.36 3.33 5.07
CA ASP B 146 -17.13 2.18 4.59
C ASP B 146 -18.44 2.58 3.89
N ARG B 147 -18.99 3.77 4.19
CA ARG B 147 -20.30 4.20 3.69
C ARG B 147 -20.30 5.23 2.57
N TYR B 148 -19.41 6.23 2.62
CA TYR B 148 -19.39 7.31 1.65
C TYR B 148 -18.05 7.72 1.09
N LEU B 149 -18.08 8.42 -0.06
CA LEU B 149 -16.95 9.10 -0.68
C LEU B 149 -17.22 10.57 -0.38
N TYR B 150 -16.19 11.35 -0.05
CA TYR B 150 -16.34 12.76 0.29
C TYR B 150 -15.42 13.60 -0.57
N MET B 151 -15.96 14.68 -1.16
CA MET B 151 -15.20 15.56 -2.03
C MET B 151 -15.27 16.95 -1.47
N VAL B 152 -14.17 17.42 -0.89
CA VAL B 152 -14.07 18.75 -0.28
C VAL B 152 -13.62 19.77 -1.35
N MET B 153 -14.56 20.59 -1.83
CA MET B 153 -14.34 21.56 -2.90
C MET B 153 -14.41 23.00 -2.42
N GLU B 154 -14.10 23.99 -3.29
CA GLU B 154 -14.28 25.38 -2.89
C GLU B 154 -15.75 25.76 -3.02
N TYR B 155 -16.30 26.49 -2.01
CA TYR B 155 -17.70 26.91 -2.02
C TYR B 155 -17.91 28.04 -3.05
N MET B 156 -18.96 27.87 -3.90
CA MET B 156 -19.37 28.78 -4.98
C MET B 156 -20.61 29.50 -4.48
N PRO B 157 -20.45 30.64 -3.78
CA PRO B 157 -21.64 31.29 -3.17
C PRO B 157 -22.64 31.93 -4.12
N GLY B 158 -22.30 32.11 -5.39
CA GLY B 158 -23.20 32.73 -6.36
C GLY B 158 -24.34 31.84 -6.83
N GLY B 159 -24.34 30.58 -6.40
CA GLY B 159 -25.35 29.61 -6.78
C GLY B 159 -25.24 29.17 -8.24
N ASP B 160 -26.20 28.38 -8.71
CA ASP B 160 -26.15 27.92 -10.09
C ASP B 160 -26.94 28.83 -11.01
N LEU B 161 -26.75 28.66 -12.32
CA LEU B 161 -27.42 29.42 -13.38
C LEU B 161 -28.92 29.15 -13.39
N VAL B 162 -29.36 27.98 -12.85
CA VAL B 162 -30.79 27.63 -12.69
C VAL B 162 -31.45 28.66 -11.79
N ASN B 163 -30.74 29.02 -10.70
CA ASN B 163 -31.18 30.04 -9.77
C ASN B 163 -31.19 31.40 -10.46
N LEU B 164 -30.17 31.71 -11.30
CA LEU B 164 -30.12 33.00 -12.00
C LEU B 164 -31.28 33.14 -12.96
N MET B 165 -31.47 32.13 -13.76
CA MET B 165 -32.53 32.12 -14.73
C MET B 165 -33.89 32.23 -14.08
N SER B 166 -34.09 31.55 -12.96
CA SER B 166 -35.34 31.60 -12.21
C SER B 166 -35.64 32.96 -11.57
N ASN B 167 -34.66 33.84 -11.51
CA ASN B 167 -34.87 35.17 -10.94
C ASN B 167 -34.83 36.29 -11.95
N TYR B 168 -34.51 35.97 -13.19
CA TYR B 168 -34.36 37.01 -14.20
C TYR B 168 -34.91 36.56 -15.52
N ASP B 169 -35.34 37.52 -16.32
CA ASP B 169 -35.59 37.29 -17.71
C ASP B 169 -34.32 37.84 -18.28
N VAL B 170 -33.43 36.95 -18.71
CA VAL B 170 -32.08 37.34 -19.05
C VAL B 170 -32.04 38.26 -20.23
N PRO B 171 -31.21 39.37 -20.07
CA PRO B 171 -31.02 40.13 -21.31
C PRO B 171 -29.96 39.47 -22.18
N GLU B 172 -29.99 39.73 -23.49
CA GLU B 172 -29.02 39.15 -24.42
C GLU B 172 -27.56 39.41 -24.02
N LYS B 173 -27.24 40.65 -23.55
CA LYS B 173 -25.88 41.01 -23.11
C LYS B 173 -25.34 40.06 -22.03
N TRP B 174 -26.22 39.60 -21.08
CA TRP B 174 -25.88 38.65 -20.00
C TRP B 174 -25.66 37.26 -20.56
N ALA B 175 -26.59 36.81 -21.43
CA ALA B 175 -26.55 35.49 -22.07
C ALA B 175 -25.25 35.38 -22.84
N ARG B 176 -24.86 36.45 -23.60
CA ARG B 176 -23.60 36.49 -24.34
C ARG B 176 -22.42 36.18 -23.42
N PHE B 177 -22.36 36.82 -22.23
CA PHE B 177 -21.34 36.62 -21.21
C PHE B 177 -21.31 35.16 -20.74
N TYR B 178 -22.44 34.67 -20.20
CA TYR B 178 -22.53 33.32 -19.66
C TYR B 178 -22.21 32.22 -20.69
N THR B 179 -22.72 32.34 -21.94
CA THR B 179 -22.41 31.40 -23.04
C THR B 179 -20.88 31.38 -23.29
N ALA B 180 -20.28 32.59 -23.41
CA ALA B 180 -18.86 32.77 -23.61
C ALA B 180 -18.03 32.08 -22.50
N GLU B 181 -18.41 32.31 -21.21
CA GLU B 181 -17.74 31.69 -20.07
C GLU B 181 -17.84 30.16 -20.13
N VAL B 182 -19.02 29.63 -20.54
CA VAL B 182 -19.28 28.20 -20.70
C VAL B 182 -18.35 27.62 -21.80
N VAL B 183 -18.33 28.25 -22.99
CA VAL B 183 -17.49 27.87 -24.13
C VAL B 183 -16.02 27.74 -23.67
N LEU B 184 -15.56 28.73 -22.88
CA LEU B 184 -14.20 28.77 -22.35
C LEU B 184 -14.00 27.62 -21.40
N ALA B 185 -14.96 27.42 -20.45
CA ALA B 185 -14.90 26.35 -19.46
C ALA B 185 -14.87 24.97 -20.11
N LEU B 186 -15.79 24.71 -21.04
CA LEU B 186 -15.84 23.45 -21.79
C LEU B 186 -14.58 23.20 -22.58
N ASP B 187 -14.01 24.26 -23.19
CA ASP B 187 -12.76 24.13 -23.90
C ASP B 187 -11.67 23.65 -22.96
N ALA B 188 -11.66 24.15 -21.72
CA ALA B 188 -10.71 23.77 -20.67
C ALA B 188 -10.77 22.25 -20.36
N ILE B 189 -12.01 21.73 -20.22
CA ILE B 189 -12.36 20.32 -19.97
C ILE B 189 -11.92 19.48 -21.18
N HIS B 190 -12.26 19.94 -22.41
CA HIS B 190 -11.90 19.30 -23.64
C HIS B 190 -10.38 19.17 -23.71
N SER B 191 -9.64 20.26 -23.38
CA SER B 191 -8.16 20.32 -23.35
C SER B 191 -7.53 19.31 -22.40
N MET B 192 -8.28 18.88 -21.38
CA MET B 192 -7.88 17.89 -20.40
C MET B 192 -8.17 16.48 -20.90
N GLY B 193 -8.77 16.41 -22.08
CA GLY B 193 -9.14 15.18 -22.77
C GLY B 193 -10.45 14.62 -22.27
N PHE B 194 -11.46 15.47 -22.09
CA PHE B 194 -12.75 15.05 -21.57
C PHE B 194 -13.92 15.64 -22.30
N ILE B 195 -14.99 14.83 -22.41
CA ILE B 195 -16.29 15.27 -22.89
C ILE B 195 -17.35 15.12 -21.78
N HIS B 196 -18.03 16.21 -21.46
CA HIS B 196 -19.06 16.25 -20.42
C HIS B 196 -20.35 15.48 -20.67
N ARG B 197 -20.93 15.67 -21.84
CA ARG B 197 -22.03 14.88 -22.36
C ARG B 197 -23.40 15.28 -21.82
N ASP B 198 -23.41 16.10 -20.79
CA ASP B 198 -24.66 16.57 -20.20
C ASP B 198 -24.42 17.92 -19.55
N VAL B 199 -24.19 18.94 -20.36
CA VAL B 199 -23.91 20.25 -19.83
C VAL B 199 -25.22 20.93 -19.57
N LYS B 200 -25.39 21.43 -18.37
CA LYS B 200 -26.66 22.07 -18.03
C LYS B 200 -26.44 23.20 -17.01
N PRO B 201 -27.42 24.12 -16.83
CA PRO B 201 -27.23 25.25 -15.90
C PRO B 201 -27.04 24.85 -14.44
N ASP B 202 -27.36 23.61 -14.11
CA ASP B 202 -27.22 23.00 -12.80
C ASP B 202 -25.74 22.79 -12.54
N ASN B 203 -24.96 22.61 -13.63
CA ASN B 203 -23.53 22.36 -13.57
C ASN B 203 -22.73 23.64 -13.59
N MET B 204 -23.41 24.75 -13.87
CA MET B 204 -22.80 26.07 -13.97
C MET B 204 -22.92 26.81 -12.66
N LEU B 205 -21.84 26.95 -11.91
CA LEU B 205 -21.84 27.63 -10.61
C LEU B 205 -21.21 29.00 -10.76
N LEU B 206 -21.55 29.92 -9.86
CA LEU B 206 -21.00 31.27 -9.87
C LEU B 206 -20.16 31.52 -8.63
N ASP B 207 -18.96 32.06 -8.82
CA ASP B 207 -18.09 32.32 -7.68
C ASP B 207 -18.48 33.62 -7.01
N LYS B 208 -17.71 34.05 -5.97
CA LYS B 208 -18.02 35.26 -5.19
C LYS B 208 -18.14 36.50 -6.07
N SER B 209 -17.47 36.50 -7.24
CA SER B 209 -17.41 37.60 -8.21
C SER B 209 -18.42 37.53 -9.33
N GLY B 210 -19.21 36.47 -9.36
CA GLY B 210 -20.21 36.26 -10.39
C GLY B 210 -19.71 35.56 -11.64
N HIS B 211 -18.46 35.04 -11.60
CA HIS B 211 -17.88 34.31 -12.72
C HIS B 211 -18.15 32.81 -12.66
N LEU B 212 -18.27 32.21 -13.84
CA LEU B 212 -18.61 30.81 -13.98
C LEU B 212 -17.47 29.85 -13.66
N LYS B 213 -17.84 28.71 -13.10
CA LYS B 213 -17.00 27.56 -12.84
C LYS B 213 -17.93 26.38 -13.09
N LEU B 214 -17.44 25.32 -13.70
CA LEU B 214 -18.24 24.13 -13.90
C LEU B 214 -18.00 23.22 -12.70
N ALA B 215 -19.08 22.57 -12.25
CA ALA B 215 -19.06 21.60 -11.16
C ALA B 215 -19.88 20.37 -11.59
N ASP B 216 -19.81 19.26 -10.80
CA ASP B 216 -20.57 18.00 -11.04
C ASP B 216 -20.23 17.37 -12.39
N PHE B 217 -19.09 16.66 -12.41
CA PHE B 217 -18.55 16.02 -13.60
C PHE B 217 -18.84 14.53 -13.63
N GLY B 218 -20.00 14.16 -13.08
CA GLY B 218 -20.49 12.79 -12.98
C GLY B 218 -20.68 12.08 -14.32
N THR B 219 -21.03 12.84 -15.39
CA THR B 219 -21.24 12.27 -16.72
C THR B 219 -20.03 12.45 -17.63
N CYS B 220 -18.87 12.80 -17.04
CA CYS B 220 -17.66 13.02 -17.81
C CYS B 220 -16.93 11.74 -18.15
N MET B 221 -16.22 11.77 -19.30
CA MET B 221 -15.51 10.64 -19.88
C MET B 221 -14.25 11.06 -20.67
N LYS B 222 -13.14 10.26 -20.58
CA LYS B 222 -11.90 10.52 -21.31
C LYS B 222 -12.03 10.07 -22.72
N MET B 223 -11.59 10.95 -23.61
CA MET B 223 -11.60 10.76 -25.04
C MET B 223 -10.53 9.77 -25.39
N ASN B 224 -10.76 8.99 -26.44
CA ASN B 224 -9.81 8.02 -26.95
C ASN B 224 -8.77 8.74 -27.87
N LYS B 225 -7.90 7.97 -28.57
CA LYS B 225 -6.87 8.48 -29.50
C LYS B 225 -7.45 9.50 -30.51
N GLU B 226 -8.73 9.29 -30.90
CA GLU B 226 -9.48 10.08 -31.91
C GLU B 226 -10.40 11.19 -31.31
N GLY B 227 -10.25 11.49 -30.02
CA GLY B 227 -11.05 12.50 -29.33
C GLY B 227 -12.52 12.11 -29.18
N MET B 228 -12.77 10.80 -29.26
CA MET B 228 -14.08 10.17 -29.24
C MET B 228 -14.35 9.37 -27.97
N VAL B 229 -15.63 9.11 -27.70
CA VAL B 229 -16.07 8.33 -26.55
C VAL B 229 -17.36 7.52 -26.90
N ARG B 230 -17.35 6.23 -26.57
CA ARG B 230 -18.43 5.26 -26.75
C ARG B 230 -19.21 5.28 -25.41
N CYS B 231 -20.43 4.66 -25.33
CA CYS B 231 -21.13 4.59 -24.03
C CYS B 231 -22.40 3.74 -24.04
N ASP B 232 -22.42 2.73 -23.17
CA ASP B 232 -23.58 1.85 -23.01
C ASP B 232 -24.33 2.20 -21.71
N THR B 233 -24.61 3.51 -21.54
CA THR B 233 -25.27 4.07 -20.34
C THR B 233 -26.67 4.61 -20.67
N ALA B 234 -27.58 4.55 -19.67
CA ALA B 234 -28.95 5.06 -19.76
C ALA B 234 -28.95 6.59 -19.55
N VAL B 235 -30.02 7.27 -20.03
CA VAL B 235 -30.09 8.73 -19.94
C VAL B 235 -31.01 9.24 -18.81
N GLY B 236 -30.54 10.26 -18.10
CA GLY B 236 -31.25 10.91 -17.02
C GLY B 236 -31.55 12.36 -17.32
N THR B 237 -32.82 12.64 -17.77
CA THR B 237 -33.32 13.96 -18.16
C THR B 237 -32.62 14.37 -19.46
N PRO B 238 -33.26 14.08 -20.60
CA PRO B 238 -32.61 14.35 -21.89
C PRO B 238 -32.55 15.80 -22.37
N ASP B 239 -33.26 16.71 -21.70
CA ASP B 239 -33.44 18.11 -22.05
C ASP B 239 -32.21 18.82 -22.62
N TYR B 240 -31.00 18.52 -22.12
CA TYR B 240 -29.80 19.22 -22.60
C TYR B 240 -28.88 18.37 -23.42
N ILE B 241 -29.07 17.05 -23.40
CA ILE B 241 -28.29 16.06 -24.13
C ILE B 241 -28.48 16.14 -25.65
N SER B 242 -27.35 15.97 -26.37
CA SER B 242 -27.26 15.95 -27.83
C SER B 242 -27.94 14.71 -28.41
N PRO B 243 -28.42 14.80 -29.69
CA PRO B 243 -29.05 13.64 -30.32
C PRO B 243 -28.14 12.41 -30.36
N GLU B 244 -26.81 12.60 -30.53
CA GLU B 244 -25.81 11.52 -30.61
C GLU B 244 -25.57 10.75 -29.34
N VAL B 245 -25.71 11.40 -28.20
CA VAL B 245 -25.53 10.73 -26.91
C VAL B 245 -26.79 9.91 -26.62
N LEU B 246 -27.96 10.33 -27.19
CA LEU B 246 -29.21 9.59 -27.08
C LEU B 246 -29.18 8.42 -28.09
N LYS B 247 -28.72 8.70 -29.34
CA LYS B 247 -28.57 7.73 -30.45
C LYS B 247 -27.69 6.56 -30.04
N SER B 248 -26.75 6.78 -29.10
CA SER B 248 -25.85 5.75 -28.58
C SER B 248 -26.09 5.44 -27.10
N GLN B 249 -27.13 4.65 -26.85
CA GLN B 249 -27.49 4.12 -25.56
C GLN B 249 -27.37 2.61 -25.78
N GLY B 250 -26.19 2.09 -25.45
CA GLY B 250 -25.85 0.69 -25.67
C GLY B 250 -24.50 0.51 -26.31
N GLY B 251 -23.76 1.61 -26.45
CA GLY B 251 -22.42 1.62 -27.04
C GLY B 251 -22.42 1.43 -28.54
N ASP B 252 -23.59 1.62 -29.18
CA ASP B 252 -23.71 1.50 -30.64
C ASP B 252 -23.36 2.87 -31.27
N GLY B 253 -22.09 3.25 -31.11
CA GLY B 253 -21.57 4.51 -31.62
C GLY B 253 -20.67 5.32 -30.71
N TYR B 254 -19.67 5.94 -31.35
CA TYR B 254 -18.71 6.85 -30.77
C TYR B 254 -19.17 8.25 -31.16
N TYR B 255 -18.81 9.22 -30.34
CA TYR B 255 -19.11 10.65 -30.51
C TYR B 255 -17.98 11.48 -29.90
N GLY B 256 -17.78 12.67 -30.46
CA GLY B 256 -16.76 13.63 -30.05
C GLY B 256 -17.30 14.75 -29.18
N ARG B 257 -16.44 15.75 -28.90
CA ARG B 257 -16.75 16.89 -28.05
C ARG B 257 -17.90 17.78 -28.57
N GLU B 258 -18.23 17.70 -29.88
CA GLU B 258 -19.29 18.52 -30.49
C GLU B 258 -20.66 18.30 -29.80
N CYS B 259 -20.79 17.22 -29.01
CA CYS B 259 -22.01 16.94 -28.27
C CYS B 259 -22.24 17.96 -27.13
N ASP B 260 -21.14 18.53 -26.58
CA ASP B 260 -21.24 19.53 -25.53
C ASP B 260 -21.67 20.86 -26.12
N TRP B 261 -21.31 21.13 -27.38
CA TRP B 261 -21.69 22.35 -28.09
C TRP B 261 -23.21 22.40 -28.33
N TRP B 262 -23.82 21.22 -28.51
CA TRP B 262 -25.26 21.12 -28.65
C TRP B 262 -25.90 21.63 -27.34
N SER B 263 -25.42 21.13 -26.19
CA SER B 263 -25.91 21.55 -24.88
C SER B 263 -25.75 23.07 -24.71
N VAL B 264 -24.65 23.68 -25.22
CA VAL B 264 -24.42 25.12 -25.15
C VAL B 264 -25.57 25.86 -25.86
N GLY B 265 -25.95 25.40 -27.04
CA GLY B 265 -27.04 26.02 -27.77
C GLY B 265 -28.34 25.94 -27.00
N VAL B 266 -28.57 24.80 -26.37
CA VAL B 266 -29.77 24.63 -25.56
C VAL B 266 -29.75 25.60 -24.40
N PHE B 267 -28.59 25.78 -23.80
CA PHE B 267 -28.45 26.67 -22.68
C PHE B 267 -28.78 28.07 -23.10
N LEU B 268 -28.31 28.46 -24.28
CA LEU B 268 -28.63 29.78 -24.81
C LEU B 268 -30.10 29.94 -25.08
N TYR B 269 -30.73 28.93 -25.65
CA TYR B 269 -32.13 29.02 -26.02
C TYR B 269 -32.95 29.23 -24.78
N GLU B 270 -32.62 28.46 -23.76
CA GLU B 270 -33.33 28.58 -22.49
C GLU B 270 -33.16 29.94 -21.83
N MET B 271 -31.94 30.50 -21.85
CA MET B 271 -31.69 31.82 -21.25
C MET B 271 -32.52 32.95 -21.91
N LEU B 272 -32.61 32.90 -23.25
CA LEU B 272 -33.32 33.90 -24.02
C LEU B 272 -34.84 33.63 -24.15
N VAL B 273 -35.25 32.37 -24.33
CA VAL B 273 -36.65 32.03 -24.51
C VAL B 273 -37.38 31.85 -23.20
N GLY B 274 -36.74 31.22 -22.22
CA GLY B 274 -37.35 31.01 -20.92
C GLY B 274 -37.68 29.57 -20.63
N ASP B 275 -37.66 28.72 -21.70
CA ASP B 275 -37.86 27.27 -21.66
C ASP B 275 -36.83 26.60 -22.52
N THR B 276 -36.65 25.27 -22.34
CA THR B 276 -35.72 24.48 -23.15
C THR B 276 -36.38 24.25 -24.51
N PRO B 277 -35.61 24.12 -25.62
CA PRO B 277 -36.26 24.01 -26.92
C PRO B 277 -36.98 22.69 -27.18
N PHE B 278 -36.72 21.63 -26.39
CA PHE B 278 -37.37 20.34 -26.66
C PHE B 278 -38.21 19.82 -25.49
N TYR B 279 -38.59 20.71 -24.55
CA TYR B 279 -39.40 20.28 -23.42
C TYR B 279 -40.70 19.66 -23.86
N ALA B 280 -41.11 18.59 -23.16
CA ALA B 280 -42.36 17.85 -23.30
C ALA B 280 -42.68 17.32 -21.89
N ASP B 281 -43.95 17.08 -21.60
CA ASP B 281 -44.41 16.63 -20.28
C ASP B 281 -43.70 15.36 -19.84
N SER B 282 -43.77 14.31 -20.67
CA SER B 282 -43.10 13.04 -20.43
C SER B 282 -41.63 13.12 -20.76
N LEU B 283 -40.84 12.26 -20.13
CA LEU B 283 -39.40 12.19 -20.37
C LEU B 283 -39.15 11.73 -21.80
N VAL B 284 -39.90 10.67 -22.24
CA VAL B 284 -39.85 10.09 -23.57
C VAL B 284 -40.23 11.11 -24.64
N GLY B 285 -41.17 12.02 -24.34
CA GLY B 285 -41.61 13.11 -25.20
C GLY B 285 -40.46 14.04 -25.55
N THR B 286 -39.63 14.35 -24.53
CA THR B 286 -38.44 15.19 -24.71
C THR B 286 -37.48 14.49 -25.70
N TYR B 287 -37.12 13.21 -25.45
CA TYR B 287 -36.27 12.41 -26.33
C TYR B 287 -36.75 12.47 -27.81
N SER B 288 -38.08 12.36 -28.02
CA SER B 288 -38.71 12.42 -29.34
C SER B 288 -38.44 13.74 -30.01
N LYS B 289 -38.65 14.86 -29.26
CA LYS B 289 -38.43 16.21 -29.76
C LYS B 289 -36.99 16.42 -30.08
N ILE B 290 -36.04 16.01 -29.20
CA ILE B 290 -34.58 16.11 -29.45
C ILE B 290 -34.23 15.43 -30.77
N MET B 291 -34.74 14.19 -30.96
CA MET B 291 -34.54 13.39 -32.17
C MET B 291 -35.08 14.12 -33.38
N ASN B 292 -36.21 14.79 -33.21
CA ASN B 292 -36.94 15.41 -34.32
C ASN B 292 -36.65 16.90 -34.39
N HIS B 293 -35.48 17.28 -33.90
CA HIS B 293 -35.14 18.65 -33.65
C HIS B 293 -35.20 19.51 -34.91
N LYS B 294 -35.06 18.90 -36.07
CA LYS B 294 -35.09 19.65 -37.30
C LYS B 294 -36.43 20.35 -37.45
N ASN B 295 -37.49 19.64 -37.07
CA ASN B 295 -38.85 20.19 -37.10
C ASN B 295 -39.34 20.75 -35.77
N SER B 296 -38.95 20.11 -34.64
CA SER B 296 -39.38 20.52 -33.29
C SER B 296 -38.80 21.88 -32.82
N LEU B 297 -37.62 22.31 -33.35
CA LEU B 297 -36.99 23.58 -32.99
C LEU B 297 -37.76 24.75 -33.63
N THR B 298 -38.35 25.57 -32.76
CA THR B 298 -39.15 26.75 -33.10
C THR B 298 -38.79 27.86 -32.12
N PHE B 299 -38.94 29.11 -32.56
CA PHE B 299 -38.67 30.26 -31.72
C PHE B 299 -39.96 31.02 -31.60
N PRO B 300 -40.25 31.66 -30.46
CA PRO B 300 -41.49 32.45 -30.35
C PRO B 300 -41.50 33.65 -31.29
N ASP B 301 -42.72 34.13 -31.68
CA ASP B 301 -42.92 35.30 -32.58
C ASP B 301 -42.27 36.61 -32.12
N ASP B 302 -42.30 36.94 -30.79
CA ASP B 302 -41.63 38.14 -30.26
C ASP B 302 -40.21 38.15 -30.82
N ASN B 303 -39.95 39.08 -31.79
CA ASN B 303 -38.67 39.26 -32.47
C ASN B 303 -37.58 39.78 -31.49
N ASP B 304 -37.74 39.42 -30.19
CA ASP B 304 -36.91 39.71 -29.02
C ASP B 304 -35.51 39.15 -29.16
N ILE B 305 -35.39 37.92 -29.72
CA ILE B 305 -34.07 37.31 -29.92
C ILE B 305 -33.51 37.87 -31.20
N SER B 306 -32.24 38.32 -31.14
CA SER B 306 -31.59 38.91 -32.29
C SER B 306 -31.30 37.90 -33.36
N LYS B 307 -30.92 38.40 -34.54
CA LYS B 307 -30.55 37.63 -35.73
C LYS B 307 -29.42 36.67 -35.34
N GLU B 308 -28.29 37.21 -34.82
CA GLU B 308 -27.09 36.48 -34.43
C GLU B 308 -27.32 35.48 -33.30
N ALA B 309 -28.26 35.77 -32.37
CA ALA B 309 -28.59 34.86 -31.27
C ALA B 309 -29.30 33.63 -31.82
N LYS B 310 -30.37 33.85 -32.67
CA LYS B 310 -31.12 32.81 -33.38
C LYS B 310 -30.16 31.95 -34.22
N ASN B 311 -29.16 32.60 -34.91
CA ASN B 311 -28.16 31.90 -35.75
C ASN B 311 -27.26 30.99 -34.93
N LEU B 312 -26.69 31.49 -33.83
CA LEU B 312 -25.81 30.71 -32.96
C LEU B 312 -26.56 29.51 -32.41
N ILE B 313 -27.83 29.68 -32.01
CA ILE B 313 -28.63 28.57 -31.49
C ILE B 313 -28.77 27.49 -32.55
N CYS B 314 -29.11 27.88 -33.77
CA CYS B 314 -29.30 26.92 -34.85
C CYS B 314 -28.02 26.31 -35.33
N ALA B 315 -26.91 27.04 -35.17
CA ALA B 315 -25.57 26.58 -35.52
C ALA B 315 -25.20 25.41 -34.59
N PHE B 316 -25.67 25.47 -33.33
CA PHE B 316 -25.42 24.45 -32.33
C PHE B 316 -26.48 23.38 -32.32
N LEU B 317 -27.75 23.73 -32.65
CA LEU B 317 -28.88 22.80 -32.62
C LEU B 317 -29.15 22.14 -34.01
N THR B 318 -28.09 21.54 -34.57
CA THR B 318 -28.13 20.81 -35.83
C THR B 318 -27.40 19.49 -35.65
N ASP B 319 -27.45 18.58 -36.64
CA ASP B 319 -26.75 17.29 -36.57
C ASP B 319 -25.26 17.56 -36.55
N ARG B 320 -24.51 16.75 -35.77
CA ARG B 320 -23.08 16.92 -35.51
C ARG B 320 -22.23 17.24 -36.75
N GLU B 321 -22.51 16.55 -37.86
CA GLU B 321 -21.78 16.64 -39.11
C GLU B 321 -21.65 18.09 -39.64
N VAL B 322 -22.62 18.96 -39.35
CA VAL B 322 -22.63 20.36 -39.77
C VAL B 322 -22.70 21.36 -38.59
N ARG B 323 -22.60 20.84 -37.35
CA ARG B 323 -22.66 21.64 -36.11
C ARG B 323 -21.46 22.57 -35.89
N LEU B 324 -21.73 23.84 -35.49
CA LEU B 324 -20.67 24.79 -35.14
C LEU B 324 -19.85 24.21 -33.97
N GLY B 325 -18.54 24.16 -34.16
CA GLY B 325 -17.63 23.57 -33.19
C GLY B 325 -16.89 22.35 -33.72
N ARG B 326 -17.45 21.73 -34.78
CA ARG B 326 -16.88 20.57 -35.47
C ARG B 326 -15.42 20.82 -35.83
N ASN B 327 -15.06 22.07 -36.20
CA ASN B 327 -13.70 22.48 -36.56
C ASN B 327 -13.04 23.37 -35.47
N GLY B 328 -13.23 22.99 -34.21
CA GLY B 328 -12.66 23.66 -33.05
C GLY B 328 -13.42 24.85 -32.52
N VAL B 329 -13.03 25.32 -31.31
CA VAL B 329 -13.62 26.47 -30.62
C VAL B 329 -13.57 27.74 -31.39
N GLU B 330 -12.47 27.98 -32.12
CA GLU B 330 -12.27 29.24 -32.81
C GLU B 330 -13.43 29.63 -33.72
N GLU B 331 -14.09 28.66 -34.41
CA GLU B 331 -15.25 28.99 -35.25
C GLU B 331 -16.46 29.43 -34.39
N ILE B 332 -16.57 28.92 -33.13
CA ILE B 332 -17.62 29.31 -32.16
C ILE B 332 -17.28 30.71 -31.69
N LYS B 333 -16.03 30.92 -31.27
CA LYS B 333 -15.52 32.19 -30.79
C LYS B 333 -15.71 33.29 -31.83
N ARG B 334 -15.40 33.00 -33.11
CA ARG B 334 -15.53 33.95 -34.23
C ARG B 334 -16.98 34.36 -34.52
N HIS B 335 -17.98 33.61 -33.99
CA HIS B 335 -19.39 33.91 -34.25
C HIS B 335 -19.74 35.35 -33.92
N LEU B 336 -20.53 35.98 -34.80
CA LEU B 336 -21.02 37.35 -34.64
C LEU B 336 -21.84 37.58 -33.39
N PHE B 337 -22.48 36.53 -32.82
CA PHE B 337 -23.26 36.68 -31.60
C PHE B 337 -22.37 37.22 -30.48
N PHE B 338 -21.11 36.77 -30.45
CA PHE B 338 -20.18 37.21 -29.43
C PHE B 338 -19.58 38.58 -29.72
N LYS B 339 -19.86 39.18 -30.90
CA LYS B 339 -19.32 40.50 -31.24
C LYS B 339 -19.86 41.54 -30.25
N ASN B 340 -18.93 42.15 -29.50
CA ASN B 340 -19.28 43.12 -28.47
C ASN B 340 -18.17 44.15 -28.18
N ASP B 341 -18.52 45.13 -27.32
CA ASP B 341 -17.70 46.26 -26.86
C ASP B 341 -17.65 46.30 -25.33
N GLN B 342 -17.52 45.14 -24.70
CA GLN B 342 -17.45 45.07 -23.25
C GLN B 342 -16.27 44.18 -22.85
N TRP B 343 -16.10 43.04 -23.56
CA TRP B 343 -15.06 42.05 -23.27
C TRP B 343 -14.36 41.42 -24.49
N ALA B 344 -13.15 40.91 -24.26
CA ALA B 344 -12.34 40.15 -25.20
C ALA B 344 -12.24 38.75 -24.61
N TRP B 345 -12.23 37.72 -25.46
CA TRP B 345 -12.18 36.33 -25.01
C TRP B 345 -11.04 36.08 -24.02
N GLU B 346 -9.85 36.53 -24.39
CA GLU B 346 -8.59 36.35 -23.67
C GLU B 346 -8.54 37.12 -22.34
N THR B 347 -9.56 37.91 -22.01
CA THR B 347 -9.55 38.69 -20.78
C THR B 347 -10.94 38.74 -20.05
N LEU B 348 -11.90 37.91 -20.54
CA LEU B 348 -13.29 37.84 -20.09
C LEU B 348 -13.49 37.61 -18.60
N ARG B 349 -12.74 36.69 -17.99
CA ARG B 349 -12.90 36.40 -16.58
C ARG B 349 -12.30 37.50 -15.70
N ASP B 350 -11.56 38.45 -16.30
CA ASP B 350 -10.96 39.58 -15.62
C ASP B 350 -11.91 40.77 -15.70
N THR B 351 -13.03 40.62 -16.44
CA THR B 351 -14.02 41.68 -16.51
C THR B 351 -14.98 41.58 -15.32
N VAL B 352 -15.88 42.58 -15.18
CA VAL B 352 -16.94 42.63 -14.15
C VAL B 352 -18.18 41.87 -14.67
N ALA B 353 -18.56 40.83 -13.91
CA ALA B 353 -19.68 39.93 -14.24
C ALA B 353 -21.03 40.66 -14.22
N PRO B 354 -22.06 40.19 -14.99
CA PRO B 354 -23.34 40.90 -14.99
C PRO B 354 -24.12 40.84 -13.67
N VAL B 355 -23.90 39.82 -12.82
CA VAL B 355 -24.59 39.68 -11.53
C VAL B 355 -23.56 39.40 -10.44
N VAL B 356 -23.24 40.40 -9.65
CA VAL B 356 -22.24 40.23 -8.59
C VAL B 356 -22.91 39.87 -7.24
N PRO B 357 -22.63 38.66 -6.71
CA PRO B 357 -23.26 38.24 -5.44
C PRO B 357 -23.01 39.16 -4.26
N ASP B 358 -24.06 39.61 -3.56
CA ASP B 358 -23.88 40.43 -2.35
C ASP B 358 -24.02 39.43 -1.19
N LEU B 359 -22.89 39.09 -0.55
CA LEU B 359 -22.89 38.06 0.50
C LEU B 359 -22.67 38.59 1.90
N SER B 360 -23.46 38.07 2.83
CA SER B 360 -23.47 38.42 4.25
C SER B 360 -22.25 37.91 5.01
N SER B 361 -21.74 36.73 4.64
CA SER B 361 -20.61 36.09 5.32
C SER B 361 -19.98 35.05 4.42
N ASP B 362 -18.93 34.38 4.93
CA ASP B 362 -18.26 33.28 4.24
C ASP B 362 -19.21 32.06 4.16
N ILE B 363 -20.28 32.04 5.02
CA ILE B 363 -21.25 30.95 5.05
C ILE B 363 -22.66 31.39 4.52
N ASP B 364 -22.77 32.52 3.77
CA ASP B 364 -24.04 32.96 3.17
C ASP B 364 -24.52 31.91 2.14
N THR B 365 -25.73 31.34 2.35
CA THR B 365 -26.29 30.33 1.42
C THR B 365 -27.57 30.82 0.72
N SER B 366 -27.78 32.17 0.67
CA SER B 366 -28.97 32.79 0.05
C SER B 366 -29.22 32.38 -1.41
N ASN B 367 -28.13 32.12 -2.21
CA ASN B 367 -28.29 31.72 -3.61
C ASN B 367 -28.54 30.22 -3.77
N PHE B 368 -28.87 29.53 -2.69
CA PHE B 368 -29.18 28.11 -2.71
C PHE B 368 -30.51 27.90 -2.00
N ASP B 369 -31.51 27.40 -2.76
CA ASP B 369 -32.84 27.07 -2.23
C ASP B 369 -32.69 25.97 -1.14
N ASP B 370 -33.50 26.05 -0.03
CA ASP B 370 -33.47 25.07 1.09
C ASP B 370 -33.96 23.72 0.58
N LEU B 371 -33.64 22.59 1.26
CA LEU B 371 -34.09 21.34 0.64
C LEU B 371 -35.22 20.62 1.42
N GLU B 378 -31.45 5.18 5.73
CA GLU B 378 -30.16 4.92 5.07
C GLU B 378 -29.80 3.44 5.02
N GLU B 379 -29.95 2.84 3.83
CA GLU B 379 -29.69 1.43 3.55
C GLU B 379 -28.19 1.05 3.63
N THR B 380 -27.90 -0.12 4.25
CA THR B 380 -26.56 -0.67 4.44
C THR B 380 -26.33 -2.00 3.67
N PHE B 381 -25.05 -2.30 3.27
CA PHE B 381 -24.74 -3.59 2.64
C PHE B 381 -25.02 -4.74 3.61
N PRO B 382 -25.54 -5.90 3.14
CA PRO B 382 -25.75 -7.06 4.04
C PRO B 382 -24.42 -7.67 4.48
N ILE B 383 -24.45 -8.52 5.53
CA ILE B 383 -23.22 -9.14 6.04
C ILE B 383 -22.81 -10.30 5.12
N PRO B 384 -21.59 -10.21 4.56
CA PRO B 384 -21.12 -11.25 3.65
C PRO B 384 -21.00 -12.68 4.22
N LYS B 385 -21.52 -13.64 3.44
CA LYS B 385 -21.42 -15.04 3.80
C LYS B 385 -20.14 -15.65 3.18
N ALA B 386 -19.39 -14.83 2.40
CA ALA B 386 -18.11 -15.09 1.70
C ALA B 386 -17.57 -13.72 1.24
N PHE B 387 -16.29 -13.64 0.82
CA PHE B 387 -15.67 -12.39 0.38
C PHE B 387 -16.36 -11.79 -0.84
N VAL B 388 -16.86 -10.55 -0.69
CA VAL B 388 -17.56 -9.85 -1.78
C VAL B 388 -16.80 -8.60 -2.25
N GLY B 389 -16.01 -8.03 -1.35
CA GLY B 389 -15.14 -6.89 -1.64
C GLY B 389 -15.82 -5.62 -2.07
N ASN B 390 -16.84 -5.21 -1.30
CA ASN B 390 -17.62 -3.99 -1.56
C ASN B 390 -16.80 -2.69 -1.61
N GLN B 391 -15.68 -2.60 -0.87
CA GLN B 391 -14.84 -1.41 -0.81
C GLN B 391 -13.79 -1.31 -1.92
N LEU B 392 -13.58 -2.42 -2.69
CA LEU B 392 -12.57 -2.48 -3.76
C LEU B 392 -12.78 -1.46 -4.89
N PRO B 393 -14.02 -1.23 -5.41
CA PRO B 393 -14.20 -0.20 -6.45
C PRO B 393 -13.85 1.23 -6.00
N PHE B 394 -13.46 1.42 -4.73
CA PHE B 394 -13.14 2.75 -4.20
C PHE B 394 -11.68 2.97 -3.70
N VAL B 395 -10.85 1.92 -3.78
CA VAL B 395 -9.45 1.98 -3.37
C VAL B 395 -8.73 2.98 -4.26
N GLY B 396 -8.11 3.97 -3.63
CA GLY B 396 -7.37 5.01 -4.33
C GLY B 396 -8.13 6.30 -4.57
N PHE B 397 -9.36 6.42 -3.97
CA PHE B 397 -10.18 7.61 -4.08
C PHE B 397 -9.67 8.71 -3.17
N THR B 398 -9.03 8.36 -2.03
CA THR B 398 -8.46 9.35 -1.12
C THR B 398 -7.43 10.19 -1.88
N TYR B 399 -7.38 11.53 -1.58
CA TYR B 399 -6.54 12.58 -2.17
C TYR B 399 -6.40 13.77 -1.20
N TYR B 400 -5.16 14.21 -0.94
CA TYR B 400 -4.86 15.37 -0.07
C TYR B 400 -4.01 16.38 -0.81
N SER B 401 -4.18 17.68 -0.53
CA SER B 401 -3.36 18.72 -1.16
C SER B 401 -2.27 19.28 -0.24
N ASN B 402 -1.14 19.63 -0.86
CA ASN B 402 0.07 20.17 -0.22
C ASN B 402 0.52 21.41 -0.96
C20 4KH C . 24.56 -16.49 5.59
C19 4KH C . 25.70 -15.92 5.04
C17 4KH C . 26.32 -17.95 4.07
C7 4KH C . 20.27 -22.17 6.86
C4 4KH C . 20.44 -24.25 5.46
N9 4KH C . 21.46 -21.64 6.48
C2 4KH C . 19.54 -26.34 6.23
C1 4KH C . 19.13 -25.73 7.42
C3 4KH C . 20.19 -25.60 5.26
C10 4KH C . 21.81 -20.28 6.50
C12 4KH C . 23.07 -18.51 5.92
C15 4KH C . 24.28 -17.86 5.34
C16 4KH C . 25.19 -18.59 4.56
C5 4KH C . 20.05 -23.63 6.68
C6 4KH C . 19.37 -24.39 7.65
O8 4KH C . 19.36 -21.51 7.32
N11 4KH C . 22.87 -19.82 5.91
C13 4KH C . 22.10 -17.80 6.53
S14 4KH C . 20.89 -18.92 7.15
N18 4KH C . 26.54 -16.66 4.32
F21 4KH C . 21.08 -23.55 4.51
C20 4KH D . -19.62 23.24 -5.52
C19 4KH D . -19.28 24.43 -4.92
C17 4KH D . -21.48 24.81 -4.26
C7 4KH D . -24.32 18.16 -7.58
C4 4KH D . -26.67 18.13 -6.71
N9 4KH D . -24.05 19.44 -7.22
C2 4KH D . -28.34 16.77 -7.75
C1 4KH D . -27.41 16.35 -8.72
C3 4KH D . -27.97 17.65 -6.75
C10 4KH D . -22.81 20.03 -7.01
C12 4KH D . -21.37 21.53 -6.18
C15 4KH D . -20.98 22.81 -5.51
C16 4KH D . -21.92 23.62 -4.84
C5 4KH D . -25.72 17.72 -7.67
C6 4KH D . -26.11 16.81 -8.67
O8 4KH D . -23.46 17.34 -7.79
N11 4KH D . -22.62 21.16 -6.39
C13 4KH D . -20.45 20.66 -6.65
S14 4KH D . -21.28 19.27 -7.36
N18 4KH D . -20.20 25.18 -4.32
F21 4KH D . -26.31 19.01 -5.73
#